data_9ATA
#
_entry.id   9ATA
#
_cell.length_a   49.644
_cell.length_b   106.224
_cell.length_c   58.245
_cell.angle_alpha   90.00
_cell.angle_beta   109.06
_cell.angle_gamma   90.00
#
_symmetry.space_group_name_H-M   'P 1 21 1'
#
loop_
_entity.id
_entity.type
_entity.pdbx_description
1 polymer '3C-like proteinase nsp5'
2 non-polymer '(1S,2S)-1-hydroxy-2-{[N-({[(2S)-5-oxo-1-(2-phenylethyl)pyrrolidin-2-yl]methoxy}carbonyl)-L-leucyl]amino}-3-[(3S)-2-oxopyrrolidin-3-yl]propane-1-sulfonic acid'
3 non-polymer '(1R,2S)-1-hydroxy-2-{[N-({[(2S)-5-oxo-1-(2-phenylethyl)pyrrolidin-2-yl]methoxy}carbonyl)-L-leucyl]amino}-3-[(3S)-2-oxopyrrolidin-3-yl]propane-1-sulfonic acid'
4 water water
#
_entity_poly.entity_id   1
_entity_poly.type   'polypeptide(L)'
_entity_poly.pdbx_seq_one_letter_code
;MHHHHHHSGLVKMSHPSGDVEACMVQVTCGSMTLNGLWLDNTVWCPRHVMCPADQLSDPNYDALLISMTNHSFSVQKHIG
APANLRVVGHAMQGTLLKLTVDVANPSTPAYTFTTVKPGAAFSVLACYNGRPTGTFTVVMRPNYTIKGSFLCGSCGSVGY
TKEGSVINFCYMHQMELANGTHTGSAFDGTMYGAFMDKQVHQVQLTDKYCSVNVVAWLYAAILNGCAWFVKPNRTSVVSF
NEWALANQFTEFVGTQSVDMLAVKTGVAIEQLLYAIQQLYTGFQGKQILGSTMLEDEFTPEDVNMQIMGVVMQ
;
_entity_poly.pdbx_strand_id   A,B
#
loop_
_chem_comp.id
_chem_comp.type
_chem_comp.name
_chem_comp.formula
A1AGG non-polymer '(1S,2S)-1-hydroxy-2-{[N-({[(2S)-5-oxo-1-(2-phenylethyl)pyrrolidin-2-yl]methoxy}carbonyl)-L-leucyl]amino}-3-[(3S)-2-oxopyrrolidin-3-yl]propane-1-sulfonic acid' 'C27 H40 N4 O9 S'
A1AGH non-polymer '(1R,2S)-1-hydroxy-2-{[N-({[(2S)-5-oxo-1-(2-phenylethyl)pyrrolidin-2-yl]methoxy}carbonyl)-L-leucyl]amino}-3-[(3S)-2-oxopyrrolidin-3-yl]propane-1-sulfonic acid' 'C27 H40 N4 O9 S'
#
# COMPACT_ATOMS: atom_id res chain seq x y z
N HIS A 6 20.65 -29.52 -14.52
CA HIS A 6 21.19 -29.01 -13.22
C HIS A 6 20.10 -28.23 -12.49
N HIS A 7 19.69 -28.77 -11.34
CA HIS A 7 18.71 -28.11 -10.51
C HIS A 7 19.27 -26.81 -9.93
N SER A 8 18.46 -25.75 -9.98
CA SER A 8 18.90 -24.42 -9.61
C SER A 8 19.18 -24.28 -8.12
N GLY A 9 18.66 -25.16 -7.29
CA GLY A 9 18.69 -24.93 -5.87
C GLY A 9 17.62 -24.00 -5.36
N LEU A 10 16.68 -23.58 -6.20
CA LEU A 10 15.59 -22.72 -5.80
C LEU A 10 14.34 -23.54 -5.57
N VAL A 11 13.69 -23.33 -4.44
CA VAL A 11 12.37 -23.87 -4.15
C VAL A 11 11.55 -22.72 -3.62
N LYS A 12 10.24 -22.94 -3.54
CA LYS A 12 9.38 -21.97 -2.89
C LYS A 12 9.53 -22.16 -1.38
N MET A 13 10.21 -21.23 -0.74
CA MET A 13 10.58 -21.37 0.67
C MET A 13 9.73 -20.48 1.55
N SER A 14 9.00 -21.08 2.47
CA SER A 14 8.23 -20.36 3.47
C SER A 14 9.01 -20.26 4.77
N HIS A 15 8.66 -19.29 5.60
CA HIS A 15 9.15 -19.28 6.97
C HIS A 15 8.61 -20.47 7.76
N PRO A 16 9.33 -20.94 8.77
CA PRO A 16 8.74 -21.90 9.70
C PRO A 16 7.50 -21.28 10.33
N SER A 17 6.41 -22.04 10.38
CA SER A 17 5.11 -21.46 10.76
C SER A 17 4.75 -21.53 12.24
N GLY A 18 5.57 -22.15 13.09
CA GLY A 18 5.15 -22.44 14.46
C GLY A 18 4.72 -21.21 15.23
N ASP A 19 5.45 -20.09 15.08
CA ASP A 19 5.13 -18.89 15.85
C ASP A 19 3.76 -18.34 15.49
N VAL A 20 3.37 -18.45 14.22
CA VAL A 20 2.07 -17.95 13.78
C VAL A 20 0.95 -18.96 14.04
N GLU A 21 1.24 -20.26 13.95
CA GLU A 21 0.23 -21.25 14.31
C GLU A 21 -0.35 -20.99 15.69
N ALA A 22 0.49 -20.60 16.65
CA ALA A 22 0.05 -20.41 18.02
C ALA A 22 -0.81 -19.15 18.20
N CYS A 23 -1.04 -18.40 17.14
CA CYS A 23 -1.88 -17.23 17.16
C CYS A 23 -3.20 -17.43 16.45
N MET A 24 -3.43 -18.56 15.81
CA MET A 24 -4.66 -18.73 15.05
C MET A 24 -5.81 -19.19 15.94
N VAL A 25 -7.00 -18.61 15.69
CA VAL A 25 -8.23 -18.95 16.39
C VAL A 25 -9.36 -19.07 15.38
N GLN A 26 -10.47 -19.66 15.84
CA GLN A 26 -11.71 -19.68 15.09
C GLN A 26 -12.61 -18.57 15.61
N VAL A 27 -13.23 -17.81 14.71
CA VAL A 27 -14.19 -16.75 15.07
C VAL A 27 -15.52 -17.08 14.41
N THR A 28 -16.58 -17.10 15.21
CA THR A 28 -17.92 -17.42 14.74
C THR A 28 -18.83 -16.27 15.14
N CYS A 29 -19.70 -15.89 14.22
CA CYS A 29 -20.71 -14.87 14.47
C CYS A 29 -21.97 -15.40 13.81
N GLY A 30 -22.98 -15.70 14.62
CA GLY A 30 -24.16 -16.36 14.10
C GLY A 30 -23.79 -17.69 13.47
N SER A 31 -24.20 -17.87 12.22
CA SER A 31 -23.91 -19.08 11.46
C SER A 31 -22.66 -18.95 10.58
N MET A 32 -21.97 -17.82 10.63
CA MET A 32 -20.76 -17.65 9.84
C MET A 32 -19.53 -17.91 10.71
N THR A 33 -18.53 -18.55 10.12
CA THR A 33 -17.31 -18.84 10.84
C THR A 33 -16.11 -18.67 9.91
N LEU A 34 -14.99 -18.23 10.47
CA LEU A 34 -13.72 -18.12 9.74
C LEU A 34 -12.59 -18.07 10.77
N ASN A 35 -11.40 -17.69 10.35
CA ASN A 35 -10.25 -17.69 11.23
C ASN A 35 -9.91 -16.28 11.68
N GLY A 36 -9.26 -16.19 12.83
CA GLY A 36 -8.74 -14.93 13.31
C GLY A 36 -7.33 -15.09 13.84
N LEU A 37 -6.71 -13.94 14.10
CA LEU A 37 -5.33 -13.82 14.56
C LEU A 37 -5.31 -13.15 15.91
N TRP A 38 -4.85 -13.88 16.91
CA TRP A 38 -4.89 -13.48 18.31
C TRP A 38 -3.50 -13.02 18.74
N LEU A 39 -3.38 -11.73 18.98
CA LEU A 39 -2.14 -11.08 19.41
C LEU A 39 -2.43 -10.23 20.63
N ASP A 40 -1.67 -10.42 21.72
CA ASP A 40 -1.97 -9.68 22.97
C ASP A 40 -3.46 -9.92 23.28
N ASN A 41 -4.25 -8.88 23.58
CA ASN A 41 -5.68 -9.00 23.90
C ASN A 41 -6.58 -8.72 22.71
N THR A 42 -6.06 -8.81 21.49
CA THR A 42 -6.83 -8.51 20.29
C THR A 42 -6.95 -9.73 19.38
N VAL A 43 -8.14 -9.92 18.82
CA VAL A 43 -8.33 -10.90 17.75
C VAL A 43 -8.75 -10.13 16.51
N TRP A 44 -7.97 -10.29 15.43
CA TRP A 44 -8.26 -9.71 14.12
C TRP A 44 -8.96 -10.72 13.25
N CYS A 45 -10.01 -10.30 12.56
CA CYS A 45 -10.62 -11.20 11.58
C CYS A 45 -11.34 -10.38 10.51
N PRO A 46 -11.69 -11.00 9.39
CA PRO A 46 -12.45 -10.27 8.37
C PRO A 46 -13.82 -9.88 8.87
N ARG A 47 -14.22 -8.65 8.55
CA ARG A 47 -15.49 -8.18 9.06
C ARG A 47 -16.69 -8.89 8.45
N HIS A 48 -16.55 -9.56 7.30
CA HIS A 48 -17.71 -10.19 6.71
C HIS A 48 -18.18 -11.39 7.51
N VAL A 49 -17.48 -11.76 8.58
CA VAL A 49 -18.06 -12.75 9.49
C VAL A 49 -19.37 -12.27 10.11
N MET A 50 -19.62 -10.96 10.16
CA MET A 50 -20.85 -10.40 10.71
C MET A 50 -22.03 -10.48 9.74
N CYS A 51 -21.77 -10.78 8.46
CA CYS A 51 -22.78 -10.66 7.42
CA CYS A 51 -22.77 -10.68 7.41
C CYS A 51 -23.50 -12.00 7.24
N PRO A 52 -24.82 -12.02 7.28
CA PRO A 52 -25.54 -13.24 6.87
C PRO A 52 -25.16 -13.59 5.44
N ALA A 53 -25.05 -14.89 5.17
CA ALA A 53 -24.68 -15.34 3.84
C ALA A 53 -25.62 -14.79 2.77
N ASP A 54 -26.84 -14.44 3.14
CA ASP A 54 -27.85 -13.91 2.23
C ASP A 54 -27.63 -12.45 1.87
N GLN A 55 -26.68 -11.76 2.51
CA GLN A 55 -26.54 -10.31 2.35
C GLN A 55 -25.12 -9.93 1.94
N LEU A 56 -24.30 -10.89 1.55
CA LEU A 56 -22.90 -10.61 1.26
C LEU A 56 -22.67 -9.73 0.04
N SER A 57 -23.69 -9.53 -0.80
CA SER A 57 -23.49 -8.78 -2.06
CA SER A 57 -23.47 -8.79 -2.04
C SER A 57 -23.36 -7.28 -1.82
N ASP A 58 -24.02 -6.75 -0.79
CA ASP A 58 -23.94 -5.31 -0.52
C ASP A 58 -24.12 -5.03 0.96
N PRO A 59 -23.24 -5.55 1.83
CA PRO A 59 -23.47 -5.42 3.27
C PRO A 59 -23.43 -3.98 3.75
N ASN A 60 -24.24 -3.68 4.76
CA ASN A 60 -24.15 -2.44 5.52
C ASN A 60 -23.32 -2.75 6.76
N TYR A 61 -22.00 -2.66 6.62
CA TYR A 61 -21.14 -3.07 7.72
C TYR A 61 -21.24 -2.13 8.92
N ASP A 62 -21.51 -0.85 8.70
CA ASP A 62 -21.67 0.06 9.83
C ASP A 62 -22.87 -0.35 10.68
N ALA A 63 -23.97 -0.70 10.03
CA ALA A 63 -25.18 -1.10 10.74
C ALA A 63 -24.98 -2.45 11.40
N LEU A 64 -24.33 -3.38 10.70
CA LEU A 64 -24.04 -4.69 11.26
C LEU A 64 -23.22 -4.58 12.54
N LEU A 65 -22.21 -3.70 12.54
CA LEU A 65 -21.37 -3.53 13.72
C LEU A 65 -22.19 -3.00 14.90
N ILE A 66 -23.08 -2.05 14.64
CA ILE A 66 -23.88 -1.51 15.73
C ILE A 66 -24.80 -2.57 16.30
N SER A 67 -25.30 -3.48 15.46
CA SER A 67 -26.22 -4.52 15.91
C SER A 67 -25.54 -5.58 16.76
N MET A 68 -24.22 -5.71 16.65
CA MET A 68 -23.49 -6.74 17.37
C MET A 68 -23.31 -6.33 18.83
N THR A 69 -23.18 -7.33 19.69
CA THR A 69 -22.69 -7.11 21.05
C THR A 69 -21.44 -7.97 21.21
N ASN A 70 -20.77 -7.83 22.34
CA ASN A 70 -19.62 -8.70 22.58
C ASN A 70 -20.03 -10.16 22.53
N HIS A 71 -21.25 -10.45 22.94
CA HIS A 71 -21.75 -11.81 23.00
C HIS A 71 -22.06 -12.38 21.62
N SER A 72 -22.07 -11.54 20.60
CA SER A 72 -22.31 -12.00 19.25
C SER A 72 -21.16 -12.82 18.68
N PHE A 73 -19.97 -12.72 19.27
CA PHE A 73 -18.76 -13.35 18.77
C PHE A 73 -18.33 -14.49 19.68
N SER A 74 -17.91 -15.59 19.06
CA SER A 74 -17.43 -16.78 19.74
C SER A 74 -16.04 -17.04 19.20
N VAL A 75 -15.03 -17.03 20.07
CA VAL A 75 -13.65 -17.19 19.66
C VAL A 75 -13.07 -18.39 20.38
N GLN A 76 -12.52 -19.33 19.64
CA GLN A 76 -11.89 -20.52 20.22
C GLN A 76 -10.47 -20.69 19.71
N LYS A 77 -9.57 -21.05 20.63
CA LYS A 77 -8.26 -21.58 20.27
C LYS A 77 -8.36 -23.10 20.34
N HIS A 78 -8.00 -23.77 19.25
CA HIS A 78 -8.10 -25.22 19.15
C HIS A 78 -6.74 -25.90 19.24
N ILE A 79 -5.74 -25.35 18.55
CA ILE A 79 -4.41 -25.92 18.58
C ILE A 79 -3.79 -25.71 19.96
N GLY A 80 -2.88 -26.60 20.33
CA GLY A 80 -2.18 -26.41 21.59
C GLY A 80 -3.12 -26.64 22.75
N ALA A 81 -3.08 -25.74 23.72
CA ALA A 81 -4.01 -25.75 24.84
C ALA A 81 -5.31 -25.08 24.42
N PRO A 82 -6.41 -25.83 24.24
CA PRO A 82 -7.66 -25.20 23.79
C PRO A 82 -8.15 -24.15 24.79
N ALA A 83 -8.86 -23.16 24.28
CA ALA A 83 -9.40 -22.10 25.11
C ALA A 83 -10.62 -21.53 24.41
N ASN A 84 -11.59 -21.08 25.20
CA ASN A 84 -12.71 -20.29 24.69
C ASN A 84 -12.48 -18.87 25.19
N LEU A 85 -12.42 -17.91 24.27
CA LEU A 85 -12.00 -16.55 24.60
C LEU A 85 -13.22 -15.64 24.64
N ARG A 86 -13.40 -14.99 25.78
CA ARG A 86 -14.54 -14.08 25.97
C ARG A 86 -14.23 -12.73 25.33
N VAL A 87 -15.12 -12.27 24.46
CA VAL A 87 -14.97 -10.97 23.81
C VAL A 87 -15.52 -9.90 24.75
N VAL A 88 -14.72 -8.88 24.99
CA VAL A 88 -15.05 -7.78 25.90
C VAL A 88 -15.08 -6.43 25.20
N GLY A 89 -14.79 -6.38 23.90
CA GLY A 89 -14.98 -5.18 23.11
C GLY A 89 -14.91 -5.52 21.64
N HIS A 90 -15.61 -4.77 20.80
CA HIS A 90 -15.48 -4.99 19.36
C HIS A 90 -15.45 -3.66 18.64
N ALA A 91 -14.75 -3.64 17.51
CA ALA A 91 -14.56 -2.44 16.74
C ALA A 91 -14.20 -2.89 15.33
N MET A 92 -14.34 -1.97 14.38
CA MET A 92 -14.06 -2.26 12.99
C MET A 92 -12.98 -1.31 12.52
N GLN A 93 -12.00 -1.83 11.81
CA GLN A 93 -11.01 -1.01 11.13
C GLN A 93 -10.96 -1.47 9.68
N GLY A 94 -11.48 -0.62 8.81
CA GLY A 94 -11.55 -0.94 7.40
C GLY A 94 -12.34 -2.22 7.22
N THR A 95 -11.69 -3.20 6.60
CA THR A 95 -12.33 -4.46 6.30
C THR A 95 -12.08 -5.53 7.35
N LEU A 96 -11.50 -5.16 8.49
CA LEU A 96 -11.24 -6.09 9.59
C LEU A 96 -12.04 -5.68 10.82
N LEU A 97 -12.39 -6.70 11.63
CA LEU A 97 -12.82 -6.51 13.00
C LEU A 97 -11.63 -6.63 13.91
N LYS A 98 -11.63 -5.82 14.95
CA LYS A 98 -10.69 -5.90 16.05
C LYS A 98 -11.51 -6.26 17.29
N LEU A 99 -11.40 -7.50 17.73
CA LEU A 99 -12.15 -7.97 18.89
C LEU A 99 -11.21 -7.99 20.08
N THR A 100 -11.61 -7.36 21.16
CA THR A 100 -10.82 -7.39 22.37
C THR A 100 -11.29 -8.56 23.21
N VAL A 101 -10.35 -9.40 23.65
CA VAL A 101 -10.68 -10.58 24.45
C VAL A 101 -10.07 -10.44 25.85
N ASP A 102 -10.62 -11.22 26.77
CA ASP A 102 -10.23 -11.07 28.16
C ASP A 102 -8.89 -11.70 28.51
N VAL A 103 -8.28 -12.47 27.61
CA VAL A 103 -7.01 -13.14 27.85
C VAL A 103 -6.01 -12.66 26.82
N ALA A 104 -4.80 -12.34 27.28
CA ALA A 104 -3.71 -12.06 26.36
C ALA A 104 -3.11 -13.35 25.83
N ASN A 105 -2.85 -13.39 24.53
CA ASN A 105 -2.27 -14.59 23.96
C ASN A 105 -0.90 -14.81 24.58
N PRO A 106 -0.67 -15.89 25.32
CA PRO A 106 0.63 -16.07 25.97
C PRO A 106 1.73 -16.44 25.00
N SER A 107 1.40 -16.81 23.78
CA SER A 107 2.38 -17.08 22.74
C SER A 107 2.52 -15.93 21.76
N THR A 108 2.13 -14.73 22.13
CA THR A 108 2.25 -13.62 21.18
C THR A 108 3.72 -13.44 20.81
N PRO A 109 4.09 -13.51 19.54
CA PRO A 109 5.48 -13.26 19.16
C PRO A 109 5.76 -11.76 19.10
N ALA A 110 7.03 -11.40 19.02
CA ALA A 110 7.35 -10.04 18.62
C ALA A 110 6.81 -9.83 17.22
N TYR A 111 6.11 -8.72 17.00
CA TYR A 111 5.47 -8.55 15.72
C TYR A 111 5.27 -7.08 15.38
N THR A 112 5.09 -6.83 14.08
CA THR A 112 4.61 -5.56 13.56
C THR A 112 3.60 -5.83 12.46
N PHE A 113 2.92 -4.77 12.04
CA PHE A 113 2.09 -4.82 10.84
C PHE A 113 2.78 -4.02 9.74
N THR A 114 2.79 -4.59 8.52
CA THR A 114 3.40 -3.88 7.40
C THR A 114 2.59 -4.22 6.15
N THR A 115 2.70 -3.41 5.12
CA THR A 115 2.07 -3.76 3.86
C THR A 115 3.15 -4.34 2.96
N VAL A 116 2.78 -5.30 2.14
CA VAL A 116 3.72 -5.86 1.17
CA VAL A 116 3.71 -5.87 1.17
C VAL A 116 3.48 -5.19 -0.17
N LYS A 117 4.54 -5.08 -0.97
CA LYS A 117 4.47 -4.41 -2.25
C LYS A 117 4.51 -5.42 -3.39
N PRO A 118 4.02 -5.04 -4.55
CA PRO A 118 4.13 -5.92 -5.72
C PRO A 118 5.55 -6.45 -5.90
N GLY A 119 5.62 -7.74 -6.20
CA GLY A 119 6.89 -8.43 -6.42
C GLY A 119 7.50 -9.02 -5.17
N ALA A 120 7.07 -8.58 -4.00
CA ALA A 120 7.61 -9.11 -2.75
C ALA A 120 6.93 -10.41 -2.36
N ALA A 121 7.72 -11.31 -1.78
CA ALA A 121 7.25 -12.61 -1.31
C ALA A 121 6.83 -12.57 0.15
N PHE A 122 5.84 -13.39 0.48
CA PHE A 122 5.48 -13.57 1.88
C PHE A 122 4.95 -14.97 2.07
N SER A 123 4.97 -15.40 3.33
CA SER A 123 4.50 -16.73 3.70
C SER A 123 3.04 -16.67 4.15
N VAL A 124 2.28 -17.68 3.78
CA VAL A 124 0.87 -17.77 4.16
C VAL A 124 0.68 -19.04 4.99
N LEU A 125 -0.05 -18.90 6.08
CA LEU A 125 -0.53 -20.04 6.85
C LEU A 125 -2.02 -20.21 6.57
N ALA A 126 -2.35 -21.23 5.77
CA ALA A 126 -3.72 -21.54 5.43
C ALA A 126 -4.39 -22.29 6.55
N CYS A 127 -5.53 -21.79 7.00
CA CYS A 127 -6.26 -22.33 8.15
C CYS A 127 -7.72 -22.52 7.80
N TYR A 128 -8.34 -23.51 8.43
CA TYR A 128 -9.77 -23.77 8.35
C TYR A 128 -10.27 -24.05 9.76
N ASN A 129 -11.38 -23.41 10.15
CA ASN A 129 -11.98 -23.62 11.47
C ASN A 129 -10.98 -23.38 12.60
N GLY A 130 -10.09 -22.43 12.40
CA GLY A 130 -9.10 -22.11 13.40
C GLY A 130 -7.93 -23.08 13.47
N ARG A 131 -7.86 -24.05 12.55
CA ARG A 131 -6.81 -25.08 12.58
C ARG A 131 -5.88 -24.89 11.39
N PRO A 132 -4.59 -24.64 11.61
CA PRO A 132 -3.65 -24.54 10.48
C PRO A 132 -3.57 -25.86 9.71
N THR A 133 -3.59 -25.73 8.38
CA THR A 133 -3.57 -26.90 7.52
CA THR A 133 -3.62 -26.86 7.47
C THR A 133 -2.43 -26.91 6.51
N GLY A 134 -1.89 -25.77 6.14
CA GLY A 134 -0.79 -25.78 5.19
C GLY A 134 -0.10 -24.45 5.17
N THR A 135 1.13 -24.47 4.64
CA THR A 135 1.85 -23.24 4.47
C THR A 135 2.47 -23.19 3.07
N PHE A 136 2.50 -22.00 2.51
CA PHE A 136 3.03 -21.79 1.19
C PHE A 136 3.50 -20.35 1.10
N THR A 137 4.24 -20.05 0.04
CA THR A 137 4.71 -18.69 -0.19
C THR A 137 4.20 -18.19 -1.53
N VAL A 138 3.95 -16.90 -1.58
CA VAL A 138 3.47 -16.24 -2.79
C VAL A 138 4.18 -14.91 -2.94
N VAL A 139 4.18 -14.40 -4.16
CA VAL A 139 4.60 -13.03 -4.45
CA VAL A 139 4.59 -13.02 -4.41
C VAL A 139 3.35 -12.19 -4.67
N MET A 140 3.32 -10.98 -4.10
CA MET A 140 2.21 -10.07 -4.36
C MET A 140 2.29 -9.64 -5.81
N ARG A 141 1.21 -9.87 -6.58
CA ARG A 141 1.30 -9.55 -8.00
C ARG A 141 1.12 -8.06 -8.24
N PRO A 142 1.56 -7.58 -9.41
CA PRO A 142 1.37 -6.17 -9.72
C PRO A 142 -0.08 -5.71 -9.69
N ASN A 143 -1.05 -6.61 -9.88
CA ASN A 143 -2.46 -6.20 -9.76
C ASN A 143 -3.04 -6.47 -8.37
N TYR A 144 -2.18 -6.70 -7.37
CA TYR A 144 -2.58 -6.80 -5.98
C TYR A 144 -3.46 -8.01 -5.71
N THR A 145 -3.17 -9.09 -6.42
CA THR A 145 -3.69 -10.42 -6.14
C THR A 145 -2.50 -11.32 -5.83
N ILE A 146 -2.80 -12.49 -5.27
CA ILE A 146 -1.82 -13.55 -5.10
C ILE A 146 -2.37 -14.81 -5.75
N LYS A 147 -1.46 -15.64 -6.22
CA LYS A 147 -1.80 -16.94 -6.79
C LYS A 147 -1.70 -17.95 -5.66
N GLY A 148 -2.77 -18.00 -4.84
CA GLY A 148 -2.80 -18.84 -3.67
C GLY A 148 -3.58 -20.13 -3.84
N SER A 149 -3.95 -20.71 -2.72
CA SER A 149 -4.67 -21.98 -2.68
C SER A 149 -5.55 -21.86 -1.43
N PHE A 150 -6.81 -21.48 -1.65
CA PHE A 150 -7.72 -21.12 -0.57
C PHE A 150 -9.09 -21.67 -0.95
N LEU A 151 -9.77 -22.30 -0.01
CA LEU A 151 -11.10 -22.82 -0.21
C LEU A 151 -12.09 -22.13 0.75
N CYS A 152 -13.34 -22.52 0.65
CA CYS A 152 -14.33 -22.02 1.59
CA CYS A 152 -14.34 -22.04 1.59
C CYS A 152 -13.86 -22.28 3.01
N GLY A 153 -13.98 -21.25 3.85
CA GLY A 153 -13.55 -21.33 5.22
C GLY A 153 -12.14 -20.84 5.50
N SER A 154 -11.38 -20.48 4.46
CA SER A 154 -10.00 -20.03 4.59
C SER A 154 -9.87 -18.56 5.01
N CYS A 155 -10.96 -17.79 5.01
CA CYS A 155 -10.81 -16.37 5.30
C CYS A 155 -10.24 -16.17 6.70
N GLY A 156 -9.39 -15.18 6.83
CA GLY A 156 -8.69 -14.94 8.07
C GLY A 156 -7.36 -15.63 8.15
N SER A 157 -7.05 -16.52 7.20
CA SER A 157 -5.69 -17.01 7.04
C SER A 157 -4.74 -15.83 6.85
N VAL A 158 -3.51 -15.96 7.35
CA VAL A 158 -2.64 -14.79 7.42
C VAL A 158 -1.36 -15.01 6.62
N GLY A 159 -0.86 -13.90 6.13
CA GLY A 159 0.44 -13.85 5.48
C GLY A 159 1.38 -12.94 6.23
N TYR A 160 2.67 -13.25 6.13
CA TYR A 160 3.65 -12.55 6.94
C TYR A 160 5.05 -12.73 6.36
N THR A 161 5.92 -11.80 6.72
CA THR A 161 7.37 -11.91 6.53
C THR A 161 8.02 -11.95 7.91
N LYS A 162 9.31 -12.16 7.95
CA LYS A 162 9.98 -12.26 9.23
C LYS A 162 11.33 -11.59 9.09
N GLU A 163 11.66 -10.73 10.04
CA GLU A 163 12.97 -10.09 10.12
C GLU A 163 13.52 -10.39 11.49
N GLY A 164 14.60 -11.18 11.55
CA GLY A 164 15.03 -11.69 12.83
C GLY A 164 13.93 -12.52 13.45
N SER A 165 13.64 -12.25 14.72
CA SER A 165 12.55 -12.91 15.43
C SER A 165 11.23 -12.15 15.34
N VAL A 166 11.17 -11.08 14.55
CA VAL A 166 9.97 -10.25 14.48
C VAL A 166 9.14 -10.69 13.27
N ILE A 167 7.88 -11.02 13.52
CA ILE A 167 6.94 -11.38 12.48
C ILE A 167 6.27 -10.10 11.98
N ASN A 168 6.37 -9.85 10.69
CA ASN A 168 5.70 -8.69 10.08
C ASN A 168 4.47 -9.20 9.37
N PHE A 169 3.31 -9.03 10.00
CA PHE A 169 2.06 -9.49 9.42
C PHE A 169 1.65 -8.53 8.32
N CYS A 170 1.31 -9.06 7.14
CA CYS A 170 1.01 -8.25 5.98
C CYS A 170 -0.27 -8.58 5.23
N TYR A 171 -0.96 -9.67 5.56
CA TYR A 171 -2.07 -10.10 4.73
C TYR A 171 -3.06 -10.90 5.58
N MET A 172 -4.34 -10.61 5.41
CA MET A 172 -5.39 -11.43 5.96
C MET A 172 -6.37 -11.76 4.83
N HIS A 173 -6.57 -13.06 4.60
CA HIS A 173 -7.29 -13.51 3.43
C HIS A 173 -8.77 -13.15 3.45
N GLN A 174 -9.28 -12.63 2.31
CA GLN A 174 -10.68 -12.25 2.18
C GLN A 174 -11.43 -12.90 1.04
N MET A 175 -10.82 -13.11 -0.12
CA MET A 175 -11.67 -13.44 -1.25
C MET A 175 -10.89 -14.06 -2.42
N GLU A 176 -11.65 -14.77 -3.25
CA GLU A 176 -11.15 -15.32 -4.50
C GLU A 176 -11.78 -14.52 -5.64
N LEU A 177 -11.02 -14.32 -6.70
CA LEU A 177 -11.46 -13.56 -7.85
C LEU A 177 -11.87 -14.52 -8.97
N ALA A 178 -12.45 -13.94 -10.04
CA ALA A 178 -13.00 -14.73 -11.14
C ALA A 178 -11.96 -15.63 -11.79
N ASN A 179 -10.72 -15.16 -11.88
CA ASN A 179 -9.67 -15.89 -12.55
C ASN A 179 -8.92 -16.84 -11.61
N GLY A 180 -9.41 -17.06 -10.39
CA GLY A 180 -8.82 -18.03 -9.50
C GLY A 180 -7.75 -17.47 -8.59
N THR A 181 -7.38 -16.21 -8.75
CA THR A 181 -6.45 -15.59 -7.83
C THR A 181 -7.21 -15.07 -6.62
N HIS A 182 -6.43 -14.50 -5.70
CA HIS A 182 -6.90 -14.23 -4.34
C HIS A 182 -6.48 -12.84 -3.89
N THR A 183 -7.25 -12.28 -2.98
CA THR A 183 -6.79 -11.05 -2.34
C THR A 183 -7.38 -10.94 -0.94
N GLY A 184 -6.89 -9.93 -0.25
CA GLY A 184 -7.15 -9.79 1.15
C GLY A 184 -6.77 -8.40 1.60
N SER A 185 -6.70 -8.27 2.91
CA SER A 185 -6.49 -7.01 3.58
C SER A 185 -5.11 -6.94 4.20
N ALA A 186 -4.61 -5.72 4.32
CA ALA A 186 -3.53 -5.47 5.26
C ALA A 186 -4.12 -5.22 6.64
N PHE A 187 -3.27 -5.17 7.66
CA PHE A 187 -3.80 -5.07 9.02
C PHE A 187 -4.10 -3.63 9.43
N ASP A 188 -3.91 -2.66 8.53
CA ASP A 188 -4.56 -1.37 8.69
C ASP A 188 -6.00 -1.39 8.20
N GLY A 189 -6.46 -2.56 7.73
CA GLY A 189 -7.81 -2.72 7.31
C GLY A 189 -8.08 -2.40 5.86
N THR A 190 -7.09 -1.90 5.13
CA THR A 190 -7.29 -1.66 3.70
C THR A 190 -7.22 -2.95 2.91
N MET A 191 -8.08 -3.09 1.91
CA MET A 191 -7.87 -4.15 0.96
C MET A 191 -6.69 -3.79 0.06
N TYR A 192 -5.95 -4.82 -0.35
CA TYR A 192 -4.93 -4.62 -1.36
C TYR A 192 -5.61 -4.23 -2.66
N GLY A 193 -4.95 -3.37 -3.42
CA GLY A 193 -5.52 -2.94 -4.68
C GLY A 193 -6.80 -2.15 -4.53
N ALA A 194 -7.66 -2.24 -5.55
CA ALA A 194 -8.92 -1.52 -5.59
C ALA A 194 -10.09 -2.41 -5.17
N PHE A 195 -9.79 -3.52 -4.51
CA PHE A 195 -10.80 -4.51 -4.22
C PHE A 195 -11.65 -4.11 -3.03
N MET A 196 -12.89 -4.59 -3.04
CA MET A 196 -13.86 -4.36 -1.96
C MET A 196 -14.36 -5.70 -1.44
N ASP A 197 -14.61 -5.76 -0.13
CA ASP A 197 -15.04 -7.01 0.51
C ASP A 197 -16.55 -7.17 0.42
N LYS A 198 -17.00 -7.34 -0.82
CA LYS A 198 -18.40 -7.54 -1.16
C LYS A 198 -18.50 -8.62 -2.23
N GLN A 199 -19.58 -9.41 -2.13
CA GLN A 199 -19.78 -10.54 -3.02
C GLN A 199 -20.40 -10.09 -4.33
N VAL A 200 -19.61 -9.40 -5.13
CA VAL A 200 -20.04 -8.95 -6.44
C VAL A 200 -18.82 -8.98 -7.36
N HIS A 201 -19.10 -9.06 -8.67
CA HIS A 201 -18.03 -9.04 -9.66
C HIS A 201 -17.23 -7.77 -9.50
N GLN A 202 -15.92 -7.91 -9.55
CA GLN A 202 -15.05 -6.75 -9.47
C GLN A 202 -14.09 -6.72 -10.64
N VAL A 203 -13.76 -5.50 -11.05
CA VAL A 203 -12.85 -5.32 -12.16
C VAL A 203 -11.52 -5.93 -11.79
N GLN A 204 -10.94 -6.71 -12.68
CA GLN A 204 -9.62 -7.24 -12.43
C GLN A 204 -8.62 -6.48 -13.27
N LEU A 205 -7.62 -5.93 -12.60
CA LEU A 205 -6.58 -5.21 -13.29
C LEU A 205 -5.62 -6.21 -13.94
N THR A 206 -4.97 -5.75 -14.99
CA THR A 206 -4.07 -6.64 -15.70
C THR A 206 -2.87 -6.95 -14.83
N ASP A 207 -2.41 -8.20 -14.90
CA ASP A 207 -1.17 -8.56 -14.25
C ASP A 207 0.00 -8.21 -15.18
N LYS A 208 1.19 -8.18 -14.61
CA LYS A 208 2.42 -7.85 -15.34
C LYS A 208 3.52 -8.81 -14.87
N TYR A 209 4.54 -8.97 -15.69
CA TYR A 209 5.77 -9.58 -15.22
C TYR A 209 6.49 -8.66 -14.26
N CYS A 210 7.01 -9.22 -13.16
CA CYS A 210 7.79 -8.43 -12.19
CA CYS A 210 7.78 -8.42 -12.20
C CYS A 210 9.24 -8.40 -12.65
N SER A 211 9.67 -7.28 -13.21
N SER A 211 9.69 -7.26 -13.18
CA SER A 211 11.00 -7.24 -13.81
CA SER A 211 11.00 -7.23 -13.84
C SER A 211 12.10 -7.56 -12.81
C SER A 211 12.17 -7.43 -12.85
N VAL A 212 12.02 -6.99 -11.60
CA VAL A 212 13.11 -7.18 -10.63
C VAL A 212 13.28 -8.67 -10.33
N ASN A 213 12.16 -9.40 -10.30
CA ASN A 213 12.25 -10.82 -10.04
C ASN A 213 12.74 -11.61 -11.25
N VAL A 214 12.40 -11.18 -12.48
CA VAL A 214 12.97 -11.84 -13.65
C VAL A 214 14.49 -11.66 -13.64
N VAL A 215 14.95 -10.46 -13.28
CA VAL A 215 16.39 -10.21 -13.19
C VAL A 215 17.01 -11.15 -12.15
N ALA A 216 16.36 -11.31 -10.98
CA ALA A 216 16.87 -12.22 -9.96
C ALA A 216 17.02 -13.63 -10.51
N TRP A 217 16.03 -14.09 -11.27
CA TRP A 217 16.03 -15.43 -11.81
C TRP A 217 17.11 -15.60 -12.86
N LEU A 218 17.34 -14.58 -13.69
CA LEU A 218 18.47 -14.68 -14.62
C LEU A 218 19.80 -14.71 -13.87
N TYR A 219 19.93 -13.97 -12.76
CA TYR A 219 21.13 -14.11 -11.93
C TYR A 219 21.25 -15.52 -11.34
N ALA A 220 20.12 -16.11 -10.91
CA ALA A 220 20.16 -17.49 -10.45
C ALA A 220 20.68 -18.41 -11.54
N ALA A 221 20.26 -18.16 -12.78
CA ALA A 221 20.72 -19.01 -13.88
C ALA A 221 22.24 -18.89 -14.04
N ILE A 222 22.73 -17.66 -14.00
CA ILE A 222 24.17 -17.43 -14.15
C ILE A 222 24.94 -18.09 -13.02
N LEU A 223 24.46 -17.93 -11.78
CA LEU A 223 25.10 -18.60 -10.63
C LEU A 223 25.17 -20.11 -10.82
N ASN A 224 24.22 -20.69 -11.53
CA ASN A 224 24.20 -22.12 -11.78
C ASN A 224 24.94 -22.52 -13.04
N GLY A 225 25.60 -21.59 -13.71
CA GLY A 225 26.40 -21.94 -14.87
C GLY A 225 25.67 -21.83 -16.19
N CYS A 226 24.48 -21.22 -16.19
CA CYS A 226 23.60 -21.12 -17.36
C CYS A 226 23.61 -19.66 -17.76
N ALA A 227 24.46 -19.28 -18.71
CA ALA A 227 24.57 -17.86 -19.03
C ALA A 227 24.66 -17.58 -20.54
N TRP A 228 24.10 -18.46 -21.37
CA TRP A 228 24.17 -18.29 -22.82
C TRP A 228 23.51 -16.98 -23.29
N PHE A 229 22.52 -16.51 -22.55
CA PHE A 229 21.78 -15.30 -22.89
C PHE A 229 22.52 -14.01 -22.54
N VAL A 230 23.69 -14.09 -21.94
CA VAL A 230 24.42 -12.89 -21.55
C VAL A 230 25.26 -12.45 -22.73
N LYS A 231 25.13 -11.18 -23.11
CA LYS A 231 25.93 -10.57 -24.17
C LYS A 231 26.59 -9.31 -23.63
N PRO A 232 27.53 -8.74 -24.38
CA PRO A 232 28.06 -7.42 -24.02
C PRO A 232 27.00 -6.34 -24.05
N ASN A 233 25.97 -6.53 -24.87
CA ASN A 233 24.93 -5.54 -25.05
C ASN A 233 24.26 -5.21 -23.72
N ARG A 234 23.85 -3.94 -23.60
CA ARG A 234 23.22 -3.43 -22.40
C ARG A 234 22.03 -2.57 -22.80
N THR A 235 21.00 -2.60 -21.96
CA THR A 235 19.91 -1.64 -21.98
C THR A 235 19.88 -0.89 -20.66
N SER A 236 19.86 0.45 -20.75
CA SER A 236 19.83 1.24 -19.52
C SER A 236 18.52 1.03 -18.80
N VAL A 237 18.54 1.37 -17.51
CA VAL A 237 17.32 1.29 -16.71
C VAL A 237 16.24 2.20 -17.31
N VAL A 238 16.62 3.41 -17.71
CA VAL A 238 15.63 4.33 -18.29
CA VAL A 238 15.66 4.34 -18.31
C VAL A 238 15.04 3.73 -19.56
N SER A 239 15.87 3.20 -20.45
CA SER A 239 15.34 2.67 -21.70
C SER A 239 14.50 1.43 -21.44
N PHE A 240 14.97 0.54 -20.55
CA PHE A 240 14.19 -0.64 -20.24
C PHE A 240 12.80 -0.27 -19.69
N ASN A 241 12.74 0.76 -18.86
CA ASN A 241 11.45 1.07 -18.23
C ASN A 241 10.46 1.62 -19.24
N GLU A 242 10.94 2.35 -20.25
CA GLU A 242 10.07 2.73 -21.36
C GLU A 242 9.58 1.49 -22.10
N TRP A 243 10.47 0.53 -22.30
CA TRP A 243 10.09 -0.71 -22.97
C TRP A 243 9.11 -1.51 -22.12
N ALA A 244 9.32 -1.50 -20.80
CA ALA A 244 8.50 -2.31 -19.91
C ALA A 244 7.05 -1.88 -19.98
N LEU A 245 6.81 -0.56 -20.06
CA LEU A 245 5.44 -0.07 -20.11
C LEU A 245 4.75 -0.52 -21.39
N ALA A 246 5.51 -0.76 -22.44
CA ALA A 246 4.95 -1.21 -23.70
C ALA A 246 4.81 -2.71 -23.77
N ASN A 247 5.34 -3.46 -22.80
CA ASN A 247 5.45 -4.91 -22.94
C ASN A 247 4.94 -5.66 -21.72
N GLN A 248 4.09 -5.04 -20.90
CA GLN A 248 3.44 -5.77 -19.80
C GLN A 248 4.44 -6.18 -18.72
N PHE A 249 5.50 -5.40 -18.52
CA PHE A 249 6.45 -5.59 -17.43
C PHE A 249 6.35 -4.42 -16.46
N THR A 250 6.62 -4.70 -15.19
CA THR A 250 6.78 -3.62 -14.23
C THR A 250 8.06 -2.86 -14.53
N GLU A 251 8.09 -1.61 -14.10
CA GLU A 251 9.31 -0.85 -14.21
C GLU A 251 10.33 -1.36 -13.19
N PHE A 252 11.58 -1.40 -13.61
CA PHE A 252 12.65 -1.94 -12.82
C PHE A 252 13.19 -0.89 -11.88
N VAL A 253 13.32 -1.25 -10.61
CA VAL A 253 13.93 -0.40 -9.60
C VAL A 253 14.92 -1.29 -8.88
N GLY A 254 16.19 -1.02 -9.07
CA GLY A 254 17.21 -1.82 -8.43
C GLY A 254 17.30 -1.58 -6.94
N THR A 255 17.88 -2.56 -6.26
CA THR A 255 17.99 -2.60 -4.81
C THR A 255 19.37 -3.14 -4.43
N GLN A 256 19.73 -2.97 -3.16
CA GLN A 256 21.00 -3.53 -2.68
C GLN A 256 21.06 -5.03 -2.92
N SER A 257 19.91 -5.71 -2.83
CA SER A 257 19.89 -7.15 -3.03
CA SER A 257 19.90 -7.16 -3.03
C SER A 257 20.24 -7.53 -4.47
N VAL A 258 19.69 -6.81 -5.46
CA VAL A 258 20.06 -7.05 -6.85
C VAL A 258 21.53 -6.74 -7.07
N ASP A 259 22.00 -5.63 -6.50
CA ASP A 259 23.40 -5.23 -6.64
C ASP A 259 24.35 -6.32 -6.15
N MET A 260 24.00 -7.02 -5.07
CA MET A 260 24.85 -8.09 -4.58
C MET A 260 24.96 -9.21 -5.61
N LEU A 261 23.86 -9.50 -6.30
CA LEU A 261 23.89 -10.52 -7.35
C LEU A 261 24.79 -10.09 -8.51
N ALA A 262 24.74 -8.82 -8.88
CA ALA A 262 25.60 -8.32 -9.95
C ALA A 262 27.07 -8.49 -9.58
N VAL A 263 27.43 -8.19 -8.33
CA VAL A 263 28.81 -8.31 -7.90
C VAL A 263 29.23 -9.77 -7.88
N LYS A 264 28.37 -10.63 -7.34
CA LYS A 264 28.75 -12.04 -7.20
C LYS A 264 28.95 -12.69 -8.56
N THR A 265 28.12 -12.34 -9.55
CA THR A 265 28.20 -12.98 -10.86
C THR A 265 29.09 -12.25 -11.84
N GLY A 266 29.36 -10.97 -11.61
CA GLY A 266 30.12 -10.19 -12.59
C GLY A 266 29.32 -9.71 -13.78
N VAL A 267 27.99 -9.82 -13.73
CA VAL A 267 27.12 -9.45 -14.84
C VAL A 267 26.31 -8.23 -14.41
N ALA A 268 26.34 -7.18 -15.23
CA ALA A 268 25.65 -5.95 -14.89
C ALA A 268 24.15 -6.06 -15.10
N ILE A 269 23.42 -5.37 -14.23
CA ILE A 269 21.95 -5.31 -14.36
C ILE A 269 21.56 -5.00 -15.79
N GLU A 270 22.24 -4.04 -16.41
CA GLU A 270 21.84 -3.59 -17.74
C GLU A 270 22.04 -4.68 -18.78
N GLN A 271 22.98 -5.59 -18.56
CA GLN A 271 23.12 -6.71 -19.49
C GLN A 271 21.89 -7.61 -19.41
N LEU A 272 21.34 -7.78 -18.21
CA LEU A 272 20.17 -8.63 -18.05
C LEU A 272 18.92 -7.92 -18.54
N LEU A 273 18.86 -6.60 -18.39
CA LEU A 273 17.74 -5.88 -18.96
C LEU A 273 17.70 -6.09 -20.47
N TYR A 274 18.87 -6.05 -21.13
CA TYR A 274 18.90 -6.35 -22.56
C TYR A 274 18.46 -7.80 -22.82
N ALA A 275 18.95 -8.75 -22.02
CA ALA A 275 18.58 -10.14 -22.23
C ALA A 275 17.07 -10.34 -22.13
N ILE A 276 16.43 -9.68 -21.17
CA ILE A 276 14.99 -9.83 -20.97
C ILE A 276 14.24 -9.41 -22.23
N GLN A 277 14.62 -8.26 -22.80
CA GLN A 277 14.00 -7.80 -24.03
C GLN A 277 14.10 -8.86 -25.12
N GLN A 278 15.26 -9.51 -25.23
CA GLN A 278 15.44 -10.50 -26.28
C GLN A 278 14.69 -11.79 -25.95
N LEU A 279 14.78 -12.25 -24.71
CA LEU A 279 14.12 -13.50 -24.32
C LEU A 279 12.60 -13.38 -24.40
N TYR A 280 12.06 -12.19 -24.14
CA TYR A 280 10.62 -12.01 -24.19
C TYR A 280 10.07 -12.30 -25.59
N THR A 281 10.86 -12.07 -26.65
CA THR A 281 10.43 -12.38 -28.00
C THR A 281 10.54 -13.87 -28.31
N GLY A 282 11.26 -14.63 -27.50
CA GLY A 282 11.35 -16.08 -27.64
C GLY A 282 12.69 -16.62 -27.16
N PHE A 283 12.67 -17.80 -26.56
CA PHE A 283 13.89 -18.45 -26.11
C PHE A 283 14.63 -19.16 -27.23
N GLN A 284 14.07 -19.22 -28.43
CA GLN A 284 14.74 -19.80 -29.59
C GLN A 284 15.02 -21.28 -29.37
N GLY A 285 14.03 -22.00 -28.82
CA GLY A 285 14.16 -23.41 -28.53
C GLY A 285 15.04 -23.74 -27.34
N LYS A 286 15.69 -22.75 -26.73
CA LYS A 286 16.60 -22.97 -25.63
C LYS A 286 15.84 -22.93 -24.30
N GLN A 287 16.50 -23.40 -23.26
CA GLN A 287 15.91 -23.42 -21.93
C GLN A 287 16.82 -22.68 -20.95
N ILE A 288 16.19 -22.11 -19.93
CA ILE A 288 16.89 -21.49 -18.83
C ILE A 288 16.37 -22.12 -17.53
N LEU A 289 17.25 -22.75 -16.77
CA LEU A 289 16.86 -23.41 -15.51
C LEU A 289 15.58 -24.21 -15.68
N GLY A 290 15.56 -25.00 -16.74
CA GLY A 290 14.50 -25.94 -17.00
C GLY A 290 13.23 -25.33 -17.55
N SER A 291 13.27 -24.07 -17.93
CA SER A 291 12.08 -23.30 -18.31
C SER A 291 12.23 -22.76 -19.73
N THR A 292 11.11 -22.72 -20.45
CA THR A 292 11.03 -22.06 -21.74
C THR A 292 10.33 -20.69 -21.65
N MET A 293 10.04 -20.21 -20.44
CA MET A 293 9.46 -18.87 -20.26
C MET A 293 10.14 -18.17 -19.09
N LEU A 294 10.00 -16.85 -19.07
CA LEU A 294 10.57 -16.08 -17.97
C LEU A 294 9.85 -16.42 -16.67
N GLU A 295 10.60 -16.40 -15.58
CA GLU A 295 10.08 -16.73 -14.25
C GLU A 295 10.20 -15.50 -13.37
N ASP A 296 9.10 -15.08 -12.75
CA ASP A 296 9.16 -13.89 -11.90
C ASP A 296 8.64 -14.15 -10.49
N GLU A 297 8.63 -15.42 -10.06
CA GLU A 297 8.14 -15.78 -8.74
C GLU A 297 9.26 -15.96 -7.70
N PHE A 298 10.51 -15.67 -8.04
CA PHE A 298 11.62 -15.67 -7.11
C PHE A 298 12.22 -14.28 -7.01
N THR A 299 12.41 -13.80 -5.78
CA THR A 299 12.90 -12.45 -5.52
C THR A 299 14.43 -12.42 -5.50
N PRO A 300 15.01 -11.21 -5.55
CA PRO A 300 16.47 -11.13 -5.34
C PRO A 300 16.90 -11.69 -4.00
N GLU A 301 16.09 -11.46 -2.96
CA GLU A 301 16.42 -12.00 -1.65
C GLU A 301 16.39 -13.52 -1.65
N ASP A 302 15.42 -14.14 -2.34
CA ASP A 302 15.39 -15.60 -2.45
C ASP A 302 16.68 -16.11 -3.04
N VAL A 303 17.15 -15.46 -4.10
CA VAL A 303 18.34 -15.94 -4.79
C VAL A 303 19.56 -15.77 -3.90
N ASN A 304 19.69 -14.59 -3.28
CA ASN A 304 20.78 -14.36 -2.33
C ASN A 304 20.77 -15.40 -1.20
N MET A 305 19.59 -15.66 -0.61
CA MET A 305 19.49 -16.54 0.56
C MET A 305 19.68 -18.00 0.16
N GLN A 306 18.96 -18.44 -0.88
CA GLN A 306 18.93 -19.88 -1.14
C GLN A 306 20.18 -20.38 -1.84
N ILE A 307 20.82 -19.54 -2.65
CA ILE A 307 21.98 -19.97 -3.41
C ILE A 307 23.28 -19.51 -2.76
N MET A 308 23.30 -18.31 -2.18
CA MET A 308 24.51 -17.79 -1.55
C MET A 308 24.47 -17.80 -0.03
N GLY A 309 23.32 -18.08 0.58
CA GLY A 309 23.25 -18.14 2.03
C GLY A 309 23.32 -16.79 2.72
N VAL A 310 22.86 -15.74 2.05
CA VAL A 310 23.03 -14.37 2.52
C VAL A 310 21.67 -13.81 2.92
N VAL A 311 21.48 -13.60 4.22
CA VAL A 311 20.27 -12.99 4.74
C VAL A 311 20.61 -11.67 5.43
N HIS B 6 -18.32 30.44 -16.32
CA HIS B 6 -19.02 29.71 -15.22
C HIS B 6 -18.03 28.90 -14.39
N HIS B 7 -18.05 29.16 -13.08
CA HIS B 7 -17.19 28.46 -12.16
C HIS B 7 -17.81 27.13 -11.72
N SER B 8 -16.97 26.10 -11.64
CA SER B 8 -17.42 24.74 -11.38
C SER B 8 -17.99 24.54 -9.99
N GLY B 9 -17.62 25.40 -9.05
CA GLY B 9 -17.87 25.14 -7.65
C GLY B 9 -16.88 24.21 -6.99
N LEU B 10 -15.81 23.81 -7.67
CA LEU B 10 -14.77 22.94 -7.11
C LEU B 10 -13.55 23.75 -6.72
N VAL B 11 -13.05 23.47 -5.52
CA VAL B 11 -11.77 23.99 -5.06
C VAL B 11 -11.00 22.81 -4.49
N LYS B 12 -9.71 23.02 -4.29
CA LYS B 12 -8.87 22.09 -3.55
C LYS B 12 -9.20 22.25 -2.07
N MET B 13 -9.99 21.33 -1.55
CA MET B 13 -10.54 21.43 -0.22
C MET B 13 -9.78 20.49 0.71
N SER B 14 -9.22 21.04 1.79
CA SER B 14 -8.57 20.29 2.84
C SER B 14 -9.49 20.15 4.05
N HIS B 15 -9.19 19.18 4.89
CA HIS B 15 -9.89 19.10 6.16
C HIS B 15 -9.46 20.25 7.07
N PRO B 16 -10.30 20.66 7.99
CA PRO B 16 -9.82 21.57 9.03
C PRO B 16 -8.69 20.90 9.80
N SER B 17 -7.66 21.66 10.10
CA SER B 17 -6.41 21.09 10.61
C SER B 17 -6.23 21.16 12.12
N GLY B 18 -7.14 21.80 12.85
CA GLY B 18 -6.89 22.06 14.27
C GLY B 18 -6.57 20.81 15.08
N ASP B 19 -7.30 19.72 14.82
CA ASP B 19 -7.09 18.50 15.60
C ASP B 19 -5.68 17.96 15.42
N VAL B 20 -5.14 18.07 14.21
CA VAL B 20 -3.79 17.58 13.91
C VAL B 20 -2.74 18.59 14.38
N GLU B 21 -3.03 19.88 14.29
CA GLU B 21 -2.11 20.89 14.83
C GLU B 21 -1.73 20.56 16.27
N ALA B 22 -2.69 20.12 17.07
CA ALA B 22 -2.46 19.88 18.48
C ALA B 22 -1.58 18.66 18.74
N CYS B 23 -1.23 17.93 17.71
CA CYS B 23 -0.40 16.75 17.80
C CYS B 23 1.01 16.95 17.27
N MET B 24 1.33 18.10 16.70
CA MET B 24 2.65 18.28 16.11
C MET B 24 3.66 18.70 17.17
N VAL B 25 4.85 18.12 17.08
CA VAL B 25 5.98 18.43 17.95
C VAL B 25 7.24 18.55 17.08
N GLN B 26 8.29 19.08 17.70
CA GLN B 26 9.62 19.12 17.11
C GLN B 26 10.43 18.01 17.73
N VAL B 27 11.19 17.29 16.90
CA VAL B 27 12.08 16.24 17.37
C VAL B 27 13.49 16.60 16.92
N THR B 28 14.43 16.63 17.85
CA THR B 28 15.83 16.89 17.58
C THR B 28 16.66 15.71 18.04
N CYS B 29 17.59 15.27 17.19
CA CYS B 29 18.53 14.21 17.53
C CYS B 29 19.86 14.61 16.91
N GLY B 30 20.90 14.65 17.72
CA GLY B 30 22.22 14.93 17.18
C GLY B 30 22.25 16.30 16.55
N SER B 31 22.47 16.33 15.23
CA SER B 31 22.59 17.57 14.50
C SER B 31 21.33 17.89 13.69
N MET B 32 20.28 17.10 13.82
CA MET B 32 19.14 17.18 12.93
C MET B 32 17.90 17.49 13.75
N THR B 33 16.99 18.22 13.12
CA THR B 33 15.68 18.46 13.70
C THR B 33 14.62 18.33 12.61
N LEU B 34 13.46 17.86 12.99
CA LEU B 34 12.33 17.78 12.09
C LEU B 34 11.07 17.70 12.93
N ASN B 35 9.95 17.39 12.30
CA ASN B 35 8.66 17.33 12.96
C ASN B 35 8.31 15.89 13.34
N GLY B 36 7.49 15.77 14.40
CA GLY B 36 6.91 14.49 14.75
C GLY B 36 5.44 14.64 15.11
N LEU B 37 4.77 13.51 15.23
CA LEU B 37 3.35 13.42 15.54
C LEU B 37 3.18 12.71 16.87
N TRP B 38 2.58 13.42 17.83
CA TRP B 38 2.42 12.94 19.20
C TRP B 38 0.99 12.46 19.37
N LEU B 39 0.82 11.15 19.51
CA LEU B 39 -0.47 10.50 19.73
C LEU B 39 -0.36 9.54 20.90
N ASP B 40 -1.28 9.65 21.86
CA ASP B 40 -1.22 8.81 23.05
C ASP B 40 0.17 9.00 23.66
N ASN B 41 0.90 7.93 23.99
CA ASN B 41 2.25 8.02 24.54
C ASN B 41 3.33 7.80 23.47
N THR B 42 3.03 8.02 22.20
CA THR B 42 3.97 7.77 21.12
C THR B 42 4.20 9.04 20.29
N VAL B 43 5.47 9.28 19.95
CA VAL B 43 5.86 10.30 18.98
C VAL B 43 6.44 9.59 17.78
N TRP B 44 5.87 9.84 16.60
CA TRP B 44 6.33 9.29 15.34
C TRP B 44 7.15 10.33 14.59
N CYS B 45 8.26 9.91 13.99
CA CYS B 45 9.01 10.86 13.14
C CYS B 45 9.88 10.07 12.16
N PRO B 46 10.39 10.74 11.12
CA PRO B 46 11.26 10.05 10.16
C PRO B 46 12.56 9.61 10.83
N ARG B 47 13.00 8.40 10.50
CA ARG B 47 14.20 7.90 11.15
C ARG B 47 15.46 8.65 10.73
N HIS B 48 15.45 9.36 9.60
CA HIS B 48 16.69 10.02 9.25
C HIS B 48 17.02 11.21 10.14
N VAL B 49 16.19 11.50 11.14
CA VAL B 49 16.63 12.45 12.17
C VAL B 49 17.87 11.94 12.89
N MET B 50 18.14 10.64 12.84
CA MET B 50 19.30 10.09 13.51
C MET B 50 20.58 10.21 12.70
N CYS B 51 20.49 10.60 11.42
CA CYS B 51 21.63 10.51 10.52
CA CYS B 51 21.61 10.54 10.47
C CYS B 51 22.45 11.80 10.57
N PRO B 52 23.78 11.68 10.69
CA PRO B 52 24.60 12.89 10.51
C PRO B 52 24.39 13.45 9.11
N ALA B 53 24.33 14.77 9.01
CA ALA B 53 23.99 15.39 7.73
C ALA B 53 24.91 14.92 6.60
N ASP B 54 26.19 14.67 6.91
CA ASP B 54 27.16 14.17 5.93
C ASP B 54 27.20 12.65 5.90
N GLN B 55 26.03 12.00 5.95
CA GLN B 55 25.97 10.55 5.70
C GLN B 55 24.59 10.13 5.19
N LEU B 56 23.73 11.08 4.79
CA LEU B 56 22.39 10.77 4.34
C LEU B 56 22.35 9.92 3.08
N SER B 57 23.48 9.76 2.37
CA SER B 57 23.48 9.00 1.13
CA SER B 57 23.48 9.00 1.13
C SER B 57 23.41 7.50 1.40
N ASP B 58 24.09 7.02 2.45
CA ASP B 58 24.13 5.59 2.76
C ASP B 58 24.20 5.41 4.27
N PRO B 59 23.10 5.66 4.97
CA PRO B 59 23.06 5.42 6.42
C PRO B 59 22.90 3.94 6.75
N ASN B 60 23.43 3.56 7.91
CA ASN B 60 23.17 2.24 8.49
C ASN B 60 22.23 2.52 9.66
N TYR B 61 20.94 2.46 9.37
CA TYR B 61 19.96 2.87 10.37
C TYR B 61 19.91 1.90 11.55
N ASP B 62 20.16 0.61 11.32
CA ASP B 62 20.24 -0.34 12.42
C ASP B 62 21.29 0.08 13.44
N ALA B 63 22.48 0.45 12.95
CA ALA B 63 23.56 0.84 13.85
C ALA B 63 23.28 2.19 14.50
N LEU B 64 22.78 3.15 13.72
CA LEU B 64 22.41 4.43 14.30
C LEU B 64 21.44 4.26 15.46
N LEU B 65 20.43 3.42 15.30
CA LEU B 65 19.45 3.23 16.35
C LEU B 65 20.10 2.66 17.60
N ILE B 66 20.97 1.66 17.41
CA ILE B 66 21.72 1.05 18.51
C ILE B 66 22.52 2.11 19.27
N SER B 67 23.04 3.10 18.55
CA SER B 67 23.89 4.12 19.13
C SER B 67 23.10 5.15 19.93
N MET B 68 21.78 5.15 19.81
CA MET B 68 20.96 6.13 20.52
C MET B 68 20.52 5.56 21.86
N THR B 69 20.26 6.46 22.79
CA THR B 69 19.58 6.16 24.04
C THR B 69 18.30 6.99 24.06
N ASN B 70 17.49 6.79 25.10
CA ASN B 70 16.27 7.58 25.23
C ASN B 70 16.58 9.07 25.28
N HIS B 71 17.66 9.43 25.98
CA HIS B 71 18.07 10.82 26.16
C HIS B 71 18.65 11.44 24.90
N SER B 72 18.83 10.65 23.83
CA SER B 72 19.33 11.18 22.57
C SER B 72 18.30 12.03 21.86
N PHE B 73 17.02 11.88 22.22
CA PHE B 73 15.94 12.54 21.51
C PHE B 73 15.36 13.63 22.38
N SER B 74 15.25 14.83 21.81
CA SER B 74 14.62 15.96 22.47
C SER B 74 13.33 16.26 21.74
N VAL B 75 12.20 16.25 22.47
CA VAL B 75 10.88 16.37 21.85
C VAL B 75 10.20 17.56 22.49
N GLN B 76 9.80 18.53 21.68
CA GLN B 76 9.21 19.77 22.19
C GLN B 76 7.92 20.08 21.47
N LYS B 77 6.90 20.41 22.23
CA LYS B 77 5.67 20.98 21.71
C LYS B 77 5.75 22.48 21.87
N HIS B 78 5.64 23.21 20.76
CA HIS B 78 5.68 24.66 20.79
C HIS B 78 4.32 25.28 20.72
N ILE B 79 3.38 24.62 20.08
CA ILE B 79 2.04 25.17 19.84
C ILE B 79 1.20 25.07 21.10
N GLY B 80 0.31 26.04 21.28
CA GLY B 80 -0.62 25.95 22.40
C GLY B 80 0.10 26.02 23.72
N ALA B 81 -0.14 25.02 24.58
CA ALA B 81 0.55 24.91 25.85
C ALA B 81 1.89 24.24 25.59
N PRO B 82 3.01 24.94 25.69
CA PRO B 82 4.29 24.29 25.35
C PRO B 82 4.64 23.20 26.35
N ALA B 83 5.43 22.25 25.87
CA ALA B 83 5.84 21.13 26.70
C ALA B 83 7.14 20.56 26.16
N ASN B 84 7.94 20.00 27.07
CA ASN B 84 9.09 19.16 26.71
C ASN B 84 8.79 17.75 27.17
N LEU B 85 8.87 16.80 26.25
CA LEU B 85 8.38 15.46 26.49
C LEU B 85 9.55 14.53 26.75
N ARG B 86 9.52 13.83 27.87
CA ARG B 86 10.62 12.95 28.20
C ARG B 86 10.44 11.62 27.49
N VAL B 87 11.47 11.22 26.78
CA VAL B 87 11.45 9.97 26.02
C VAL B 87 11.88 8.84 26.95
N VAL B 88 11.06 7.78 27.01
CA VAL B 88 11.32 6.65 27.88
C VAL B 88 11.45 5.34 27.11
N GLY B 89 11.42 5.40 25.78
CA GLY B 89 11.63 4.24 24.94
C GLY B 89 11.80 4.68 23.51
N HIS B 90 12.58 3.93 22.74
CA HIS B 90 12.72 4.24 21.33
C HIS B 90 12.80 2.96 20.52
N ALA B 91 12.22 3.02 19.34
CA ALA B 91 12.12 1.87 18.46
C ALA B 91 12.03 2.37 17.03
N MET B 92 12.34 1.47 16.10
CA MET B 92 12.26 1.78 14.68
C MET B 92 11.20 0.89 14.05
N GLN B 93 10.37 1.47 13.20
CA GLN B 93 9.45 0.68 12.40
C GLN B 93 9.61 1.15 10.96
N GLY B 94 10.26 0.33 10.16
CA GLY B 94 10.53 0.72 8.78
C GLY B 94 11.34 2.00 8.80
N THR B 95 10.81 3.00 8.11
CA THR B 95 11.44 4.30 7.91
C THR B 95 11.04 5.31 8.97
N LEU B 96 10.29 4.89 10.00
CA LEU B 96 9.90 5.80 11.07
C LEU B 96 10.51 5.37 12.39
N LEU B 97 10.69 6.35 13.27
CA LEU B 97 10.98 6.09 14.66
C LEU B 97 9.69 6.19 15.43
N LYS B 98 9.58 5.35 16.44
CA LYS B 98 8.48 5.35 17.39
C LYS B 98 9.11 5.63 18.73
N LEU B 99 8.93 6.84 19.24
CA LEU B 99 9.48 7.28 20.52
C LEU B 99 8.36 7.22 21.54
N THR B 100 8.58 6.47 22.60
CA THR B 100 7.61 6.43 23.67
C THR B 100 7.93 7.55 24.66
N VAL B 101 6.90 8.29 25.07
CA VAL B 101 7.07 9.40 26.00
C VAL B 101 6.23 9.14 27.25
N ASP B 102 6.58 9.84 28.34
CA ASP B 102 5.98 9.54 29.63
C ASP B 102 4.61 10.17 29.83
N VAL B 103 4.17 11.04 28.93
CA VAL B 103 2.89 11.72 29.04
C VAL B 103 2.08 11.45 27.78
N ALA B 104 0.81 11.10 27.96
CA ALA B 104 -0.08 10.94 26.81
C ALA B 104 -0.54 12.30 26.34
N ASN B 105 -0.50 12.50 25.03
CA ASN B 105 -0.97 13.76 24.47
C ASN B 105 -2.40 13.98 24.92
N PRO B 106 -2.68 15.00 25.75
CA PRO B 106 -4.06 15.19 26.21
C PRO B 106 -5.03 15.59 25.11
N SER B 107 -4.52 16.02 23.95
CA SER B 107 -5.36 16.37 22.81
C SER B 107 -5.37 15.30 21.74
N THR B 108 -5.03 14.06 22.07
CA THR B 108 -5.06 13.03 21.05
C THR B 108 -6.47 12.91 20.49
N PRO B 109 -6.65 13.01 19.18
CA PRO B 109 -7.98 12.81 18.59
C PRO B 109 -8.27 11.32 18.42
N ALA B 110 -9.53 11.00 18.12
CA ALA B 110 -9.81 9.66 17.67
C ALA B 110 -9.08 9.45 16.34
N TYR B 111 -8.35 8.34 16.21
CA TYR B 111 -7.54 8.20 15.02
C TYR B 111 -7.29 6.74 14.68
N THR B 112 -6.94 6.53 13.42
CA THR B 112 -6.41 5.26 12.95
C THR B 112 -5.26 5.56 12.00
N PHE B 113 -4.55 4.49 11.62
CA PHE B 113 -3.51 4.57 10.59
C PHE B 113 -4.04 3.81 9.38
N THR B 114 -3.89 4.39 8.20
CA THR B 114 -4.34 3.75 6.97
C THR B 114 -3.37 4.12 5.85
N THR B 115 -3.34 3.30 4.81
CA THR B 115 -2.54 3.65 3.65
C THR B 115 -3.47 4.20 2.57
N VAL B 116 -3.02 5.23 1.88
CA VAL B 116 -3.82 5.81 0.82
CA VAL B 116 -3.77 5.85 0.81
C VAL B 116 -3.38 5.20 -0.50
N LYS B 117 -4.30 5.13 -1.43
CA LYS B 117 -4.11 4.51 -2.71
C LYS B 117 -4.02 5.55 -3.81
N PRO B 118 -3.39 5.20 -4.92
CA PRO B 118 -3.34 6.10 -6.06
C PRO B 118 -4.72 6.64 -6.41
N GLY B 119 -4.75 7.96 -6.66
CA GLY B 119 -5.96 8.63 -7.04
C GLY B 119 -6.76 9.17 -5.87
N ALA B 120 -6.44 8.72 -4.66
CA ALA B 120 -7.14 9.17 -3.47
C ALA B 120 -6.53 10.47 -2.98
N ALA B 121 -7.39 11.34 -2.47
CA ALA B 121 -7.00 12.64 -1.93
C ALA B 121 -6.76 12.57 -0.44
N PHE B 122 -5.80 13.37 0.03
CA PHE B 122 -5.64 13.52 1.46
C PHE B 122 -5.13 14.91 1.74
N SER B 123 -5.26 15.31 3.00
CA SER B 123 -4.89 16.64 3.48
C SER B 123 -3.51 16.56 4.12
N VAL B 124 -2.70 17.57 3.88
CA VAL B 124 -1.36 17.67 4.44
C VAL B 124 -1.29 18.90 5.34
N LEU B 125 -0.70 18.74 6.51
CA LEU B 125 -0.36 19.85 7.40
C LEU B 125 1.15 20.03 7.31
N ALA B 126 1.59 21.06 6.58
CA ALA B 126 3.01 21.36 6.39
C ALA B 126 3.52 22.07 7.63
N CYS B 127 4.59 21.54 8.22
CA CYS B 127 5.12 22.03 9.48
C CYS B 127 6.63 22.23 9.36
N TYR B 128 7.13 23.19 10.13
CA TYR B 128 8.56 23.46 10.24
C TYR B 128 8.89 23.71 11.71
N ASN B 129 9.91 23.00 12.21
CA ASN B 129 10.36 23.14 13.59
C ASN B 129 9.22 22.89 14.57
N GLY B 130 8.32 21.99 14.20
CA GLY B 130 7.21 21.66 15.05
C GLY B 130 6.07 22.65 15.04
N ARG B 131 6.09 23.63 14.10
CA ARG B 131 5.08 24.67 14.01
C ARG B 131 4.34 24.52 12.68
N PRO B 132 3.05 24.24 12.70
CA PRO B 132 2.29 24.20 11.45
C PRO B 132 2.31 25.54 10.73
N THR B 133 2.53 25.47 9.40
CA THR B 133 2.61 26.67 8.58
CA THR B 133 2.66 26.64 8.55
C THR B 133 1.61 26.71 7.46
N GLY B 134 1.10 25.58 6.99
CA GLY B 134 0.09 25.64 5.96
C GLY B 134 -0.57 24.29 5.81
N THR B 135 -1.69 24.32 5.09
CA THR B 135 -2.36 23.08 4.75
C THR B 135 -2.80 23.10 3.30
N PHE B 136 -2.74 21.93 2.68
CA PHE B 136 -3.09 21.76 1.28
C PHE B 136 -3.57 20.33 1.12
N THR B 137 -4.22 20.07 -0.02
CA THR B 137 -4.65 18.71 -0.33
C THR B 137 -3.99 18.25 -1.62
N VAL B 138 -3.72 16.94 -1.67
CA VAL B 138 -3.06 16.33 -2.82
C VAL B 138 -3.76 15.02 -3.11
N VAL B 139 -3.54 14.50 -4.31
CA VAL B 139 -3.94 13.15 -4.69
CA VAL B 139 -3.93 13.15 -4.64
C VAL B 139 -2.67 12.31 -4.77
N MET B 140 -2.71 11.12 -4.20
CA MET B 140 -1.59 10.20 -4.38
C MET B 140 -1.51 9.81 -5.86
N ARG B 141 -0.38 10.07 -6.49
CA ARG B 141 -0.24 9.78 -7.91
C ARG B 141 -0.07 8.27 -8.14
N PRO B 142 -0.38 7.79 -9.35
CA PRO B 142 -0.12 6.38 -9.67
C PRO B 142 1.32 5.94 -9.50
N ASN B 143 2.30 6.85 -9.51
CA ASN B 143 3.68 6.47 -9.26
C ASN B 143 4.09 6.71 -7.80
N TYR B 144 3.13 6.87 -6.91
CA TYR B 144 3.37 6.95 -5.47
C TYR B 144 4.21 8.16 -5.08
N THR B 145 4.06 9.25 -5.82
CA THR B 145 4.49 10.56 -5.39
C THR B 145 3.27 11.45 -5.20
N ILE B 146 3.51 12.59 -4.57
CA ILE B 146 2.52 13.67 -4.52
C ILE B 146 3.15 14.95 -5.00
N LYS B 147 2.30 15.81 -5.56
CA LYS B 147 2.71 17.11 -6.07
C LYS B 147 2.47 18.09 -4.94
N GLY B 148 3.45 18.16 -4.03
CA GLY B 148 3.32 18.91 -2.82
C GLY B 148 4.08 20.23 -2.85
N SER B 149 4.24 20.80 -1.66
CA SER B 149 4.95 22.06 -1.48
C SER B 149 5.67 21.92 -0.14
N PHE B 150 6.94 21.51 -0.21
CA PHE B 150 7.71 21.15 0.97
C PHE B 150 9.11 21.69 0.79
N LEU B 151 9.65 22.30 1.84
CA LEU B 151 10.98 22.87 1.82
C LEU B 151 11.85 22.15 2.85
N CYS B 152 13.11 22.56 2.93
CA CYS B 152 13.98 22.03 3.97
CA CYS B 152 13.99 22.06 3.98
C CYS B 152 13.32 22.22 5.33
N GLY B 153 13.34 21.16 6.15
CA GLY B 153 12.74 21.20 7.48
C GLY B 153 11.32 20.69 7.56
N SER B 154 10.71 20.30 6.43
CA SER B 154 9.32 19.87 6.41
C SER B 154 9.14 18.40 6.75
N CYS B 155 10.23 17.61 6.81
CA CYS B 155 10.06 16.19 7.06
C CYS B 155 9.36 15.94 8.39
N GLY B 156 8.48 14.95 8.38
CA GLY B 156 7.64 14.70 9.52
C GLY B 156 6.30 15.40 9.45
N SER B 157 6.10 16.32 8.50
CA SER B 157 4.77 16.82 8.20
C SER B 157 3.86 15.64 7.83
N VAL B 158 2.57 15.76 8.15
CA VAL B 158 1.69 14.60 8.08
C VAL B 158 0.54 14.83 7.12
N GLY B 159 0.10 13.73 6.53
CA GLY B 159 -1.08 13.71 5.69
C GLY B 159 -2.12 12.81 6.30
N TYR B 160 -3.40 13.13 6.04
CA TYR B 160 -4.48 12.42 6.71
C TYR B 160 -5.78 12.59 5.95
N THR B 161 -6.68 11.63 6.13
CA THR B 161 -8.09 11.74 5.79
C THR B 161 -8.91 11.73 7.07
N LYS B 162 -10.22 11.90 6.90
CA LYS B 162 -11.10 11.99 8.05
C LYS B 162 -12.39 11.28 7.72
N GLU B 163 -12.80 10.37 8.61
CA GLU B 163 -14.10 9.67 8.55
C GLU B 163 -14.85 10.05 9.82
N GLY B 164 -15.92 10.82 9.68
CA GLY B 164 -16.56 11.36 10.87
C GLY B 164 -15.56 12.21 11.62
N SER B 165 -15.48 11.99 12.93
CA SER B 165 -14.49 12.65 13.78
C SER B 165 -13.16 11.89 13.82
N VAL B 166 -13.04 10.78 13.11
CA VAL B 166 -11.85 9.94 13.19
C VAL B 166 -10.84 10.39 12.12
N ILE B 167 -9.64 10.72 12.56
CA ILE B 167 -8.54 11.09 11.69
C ILE B 167 -7.79 9.83 11.30
N ASN B 168 -7.66 9.60 10.00
CA ASN B 168 -6.93 8.45 9.48
C ASN B 168 -5.62 8.97 8.93
N PHE B 169 -4.55 8.83 9.71
CA PHE B 169 -3.24 9.28 9.28
C PHE B 169 -2.67 8.33 8.22
N CYS B 170 -2.20 8.89 7.12
CA CYS B 170 -1.77 8.09 5.99
C CYS B 170 -0.40 8.46 5.42
N TYR B 171 0.24 9.54 5.89
CA TYR B 171 1.46 10.00 5.24
C TYR B 171 2.32 10.77 6.21
N MET B 172 3.63 10.49 6.17
CA MET B 172 4.61 11.31 6.88
C MET B 172 5.72 11.67 5.91
N HIS B 173 5.95 12.97 5.74
CA HIS B 173 6.83 13.43 4.68
C HIS B 173 8.30 13.06 4.91
N GLN B 174 8.97 12.61 3.82
CA GLN B 174 10.35 12.18 3.85
C GLN B 174 11.26 12.87 2.84
N MET B 175 10.83 13.12 1.60
CA MET B 175 11.81 13.55 0.62
C MET B 175 11.17 14.21 -0.61
N GLU B 176 12.04 14.87 -1.38
CA GLU B 176 11.72 15.48 -2.66
C GLU B 176 12.52 14.78 -3.75
N LEU B 177 11.84 14.41 -4.83
N LEU B 177 11.84 14.39 -4.81
CA LEU B 177 12.47 13.74 -5.95
CA LEU B 177 12.44 13.74 -5.96
C LEU B 177 13.06 14.77 -6.92
C LEU B 177 12.97 14.75 -6.97
N ALA B 178 13.78 14.24 -7.92
CA ALA B 178 14.42 15.08 -8.91
C ALA B 178 13.43 15.90 -9.72
N ASN B 179 12.22 15.41 -9.94
CA ASN B 179 11.26 16.12 -10.78
C ASN B 179 10.40 17.09 -9.97
N GLY B 180 10.76 17.36 -8.72
CA GLY B 180 10.00 18.28 -7.89
C GLY B 180 8.83 17.67 -7.14
N THR B 181 8.54 16.40 -7.36
CA THR B 181 7.47 15.80 -6.60
C THR B 181 8.01 15.26 -5.28
N HIS B 182 7.11 14.70 -4.49
CA HIS B 182 7.42 14.36 -3.11
C HIS B 182 6.96 12.95 -2.74
N THR B 183 7.63 12.37 -1.77
CA THR B 183 7.08 11.13 -1.23
C THR B 183 7.46 10.96 0.24
N GLY B 184 6.89 9.93 0.83
CA GLY B 184 6.94 9.77 2.25
C GLY B 184 6.55 8.36 2.65
N SER B 185 6.32 8.21 3.94
CA SER B 185 6.03 6.94 4.60
C SER B 185 4.55 6.85 4.97
N ALA B 186 4.05 5.63 4.99
CA ALA B 186 2.85 5.30 5.75
C ALA B 186 3.25 5.04 7.20
N PHE B 187 2.25 5.02 8.08
CA PHE B 187 2.58 4.84 9.50
C PHE B 187 2.82 3.39 9.88
N ASP B 188 2.76 2.44 8.93
CA ASP B 188 3.39 1.15 9.17
C ASP B 188 4.89 1.17 8.85
N GLY B 189 5.42 2.34 8.50
CA GLY B 189 6.82 2.50 8.27
C GLY B 189 7.25 2.25 6.85
N THR B 190 6.38 1.73 6.00
CA THR B 190 6.73 1.57 4.59
C THR B 190 6.78 2.90 3.88
N MET B 191 7.76 3.04 2.99
CA MET B 191 7.69 4.13 2.04
C MET B 191 6.65 3.81 0.98
N TYR B 192 5.99 4.87 0.49
CA TYR B 192 5.07 4.68 -0.64
C TYR B 192 5.89 4.30 -1.88
N GLY B 193 5.33 3.43 -2.70
CA GLY B 193 6.03 3.01 -3.90
C GLY B 193 7.31 2.26 -3.59
N ALA B 194 8.26 2.34 -4.51
CA ALA B 194 9.53 1.65 -4.40
C ALA B 194 10.64 2.56 -3.90
N PHE B 195 10.29 3.65 -3.24
CA PHE B 195 11.27 4.62 -2.81
C PHE B 195 11.94 4.18 -1.53
N MET B 196 13.14 4.71 -1.31
CA MET B 196 13.93 4.45 -0.12
C MET B 196 14.34 5.77 0.51
N ASP B 197 14.42 5.78 1.83
CA ASP B 197 14.76 7.02 2.55
C ASP B 197 16.27 7.17 2.66
N LYS B 198 16.89 7.32 1.49
CA LYS B 198 18.30 7.60 1.36
C LYS B 198 18.47 8.77 0.39
N GLN B 199 19.47 9.60 0.65
CA GLN B 199 19.66 10.82 -0.16
C GLN B 199 20.49 10.47 -1.39
N VAL B 200 19.84 9.80 -2.33
CA VAL B 200 20.43 9.44 -3.61
C VAL B 200 19.33 9.58 -4.66
N HIS B 201 19.73 9.84 -5.91
CA HIS B 201 18.76 9.91 -7.00
C HIS B 201 18.10 8.54 -7.17
N GLN B 202 16.79 8.53 -7.36
CA GLN B 202 16.05 7.29 -7.41
C GLN B 202 15.20 7.16 -8.67
N VAL B 203 15.07 5.92 -9.15
CA VAL B 203 14.25 5.66 -10.32
C VAL B 203 12.84 6.16 -10.02
N GLN B 204 12.28 6.89 -10.94
CA GLN B 204 10.90 7.33 -10.81
C GLN B 204 10.04 6.60 -11.83
N LEU B 205 8.94 6.04 -11.36
CA LEU B 205 8.03 5.38 -12.27
C LEU B 205 7.21 6.42 -13.03
N THR B 206 6.68 6.00 -14.17
CA THR B 206 5.88 6.92 -14.96
C THR B 206 4.58 7.26 -14.24
N ASP B 207 4.18 8.51 -14.33
CA ASP B 207 2.87 8.90 -13.87
C ASP B 207 1.83 8.52 -14.93
N LYS B 208 0.58 8.51 -14.51
CA LYS B 208 -0.55 8.17 -15.36
C LYS B 208 -1.70 9.09 -14.98
N TYR B 209 -2.62 9.28 -15.91
CA TYR B 209 -3.90 9.90 -15.56
C TYR B 209 -4.74 8.94 -14.73
N CYS B 210 -5.36 9.47 -13.67
CA CYS B 210 -6.27 8.69 -12.82
CA CYS B 210 -6.28 8.68 -12.84
C CYS B 210 -7.66 8.71 -13.47
N SER B 211 -8.01 7.61 -14.15
N SER B 211 -8.02 7.60 -14.13
CA SER B 211 -9.24 7.55 -14.92
CA SER B 211 -9.24 7.56 -14.93
C SER B 211 -10.47 7.83 -14.06
C SER B 211 -10.49 7.79 -14.08
N VAL B 212 -10.53 7.25 -12.85
CA VAL B 212 -11.72 7.44 -12.02
C VAL B 212 -11.93 8.93 -11.74
N ASN B 213 -10.83 9.66 -11.54
CA ASN B 213 -10.93 11.07 -11.23
C ASN B 213 -11.27 11.89 -12.44
N VAL B 214 -10.77 11.51 -13.62
CA VAL B 214 -11.21 12.19 -14.83
C VAL B 214 -12.71 12.00 -15.02
N VAL B 215 -13.22 10.80 -14.79
CA VAL B 215 -14.67 10.58 -14.88
C VAL B 215 -15.41 11.50 -13.91
N ALA B 216 -14.94 11.58 -12.66
CA ALA B 216 -15.56 12.46 -11.67
C ALA B 216 -15.62 13.89 -12.19
N TRP B 217 -14.51 14.37 -12.78
CA TRP B 217 -14.45 15.76 -13.29
C TRP B 217 -15.42 15.96 -14.45
N LEU B 218 -15.56 14.96 -15.32
CA LEU B 218 -16.54 15.10 -16.41
C LEU B 218 -17.96 15.13 -15.86
N TYR B 219 -18.22 14.35 -14.81
CA TYR B 219 -19.51 14.46 -14.11
C TYR B 219 -19.70 15.85 -13.50
N ALA B 220 -18.66 16.42 -12.88
CA ALA B 220 -18.74 17.78 -12.37
C ALA B 220 -19.10 18.77 -13.48
N ALA B 221 -18.54 18.56 -14.68
CA ALA B 221 -18.89 19.42 -15.80
C ALA B 221 -20.37 19.32 -16.16
N ILE B 222 -20.91 18.09 -16.20
CA ILE B 222 -22.32 17.88 -16.48
C ILE B 222 -23.18 18.54 -15.42
N LEU B 223 -22.80 18.36 -14.15
CA LEU B 223 -23.52 18.97 -13.05
C LEU B 223 -23.52 20.50 -13.13
N ASN B 224 -22.61 21.07 -13.89
CA ASN B 224 -22.55 22.51 -14.12
C ASN B 224 -23.16 22.91 -15.45
N GLY B 225 -23.85 22.00 -16.14
CA GLY B 225 -24.52 22.35 -17.37
C GLY B 225 -23.63 22.25 -18.61
N CYS B 226 -22.44 21.69 -18.47
CA CYS B 226 -21.45 21.61 -19.55
C CYS B 226 -21.40 20.15 -19.98
N ALA B 227 -22.01 19.82 -21.12
CA ALA B 227 -22.07 18.41 -21.51
C ALA B 227 -21.89 18.20 -23.02
N TRP B 228 -21.19 19.10 -23.70
CA TRP B 228 -21.08 18.96 -25.16
C TRP B 228 -20.36 17.69 -25.55
N PHE B 229 -19.54 17.16 -24.67
CA PHE B 229 -18.72 15.98 -24.92
C PHE B 229 -19.47 14.66 -24.68
N VAL B 230 -20.70 14.72 -24.20
CA VAL B 230 -21.51 13.52 -23.96
C VAL B 230 -22.23 13.14 -25.24
N LYS B 231 -22.00 11.93 -25.71
CA LYS B 231 -22.70 11.40 -26.87
C LYS B 231 -23.36 10.08 -26.48
N PRO B 232 -24.22 9.52 -27.33
CA PRO B 232 -24.77 8.19 -27.03
C PRO B 232 -23.71 7.11 -27.04
N ASN B 233 -22.59 7.34 -27.71
CA ASN B 233 -21.54 6.34 -27.82
C ASN B 233 -21.01 5.95 -26.44
N ARG B 234 -20.60 4.70 -26.34
CA ARG B 234 -20.18 4.10 -25.09
C ARG B 234 -18.96 3.24 -25.33
N THR B 235 -18.13 3.14 -24.29
CA THR B 235 -17.01 2.21 -24.23
C THR B 235 -17.15 1.43 -22.93
N SER B 236 -17.15 0.11 -23.04
CA SER B 236 -17.26 -0.73 -21.85
C SER B 236 -16.05 -0.53 -20.93
N VAL B 237 -16.24 -0.84 -19.65
CA VAL B 237 -15.14 -0.74 -18.70
C VAL B 237 -13.99 -1.66 -19.14
N VAL B 238 -14.30 -2.88 -19.57
CA VAL B 238 -13.24 -3.81 -19.94
CA VAL B 238 -13.25 -3.82 -19.94
C VAL B 238 -12.49 -3.30 -21.16
N SER B 239 -13.21 -2.74 -22.14
CA SER B 239 -12.54 -2.25 -23.33
C SER B 239 -11.74 -0.98 -23.00
N PHE B 240 -12.30 -0.11 -22.16
CA PHE B 240 -11.57 1.06 -21.73
C PHE B 240 -10.28 0.68 -21.04
N ASN B 241 -10.33 -0.33 -20.17
CA ASN B 241 -9.15 -0.67 -19.40
C ASN B 241 -8.07 -1.28 -20.27
N GLU B 242 -8.45 -2.01 -21.31
CA GLU B 242 -7.45 -2.44 -22.29
C GLU B 242 -6.79 -1.23 -22.94
N TRP B 243 -7.62 -0.23 -23.29
CA TRP B 243 -7.11 0.97 -23.93
C TRP B 243 -6.24 1.78 -22.97
N ALA B 244 -6.62 1.82 -21.70
CA ALA B 244 -5.88 2.61 -20.71
C ALA B 244 -4.44 2.17 -20.61
N LEU B 245 -4.20 0.84 -20.63
CA LEU B 245 -2.86 0.30 -20.52
C LEU B 245 -1.94 0.83 -21.60
N ALA B 246 -2.48 1.12 -22.78
CA ALA B 246 -1.65 1.58 -23.87
C ALA B 246 -1.53 3.10 -23.96
N ASN B 247 -2.27 3.84 -23.12
CA ASN B 247 -2.43 5.27 -23.32
C ASN B 247 -2.30 6.08 -22.04
N GLN B 248 -1.48 5.62 -21.09
CA GLN B 248 -1.06 6.43 -19.95
C GLN B 248 -2.18 6.68 -18.95
N PHE B 249 -3.22 5.84 -18.89
CA PHE B 249 -4.29 5.94 -17.91
C PHE B 249 -4.29 4.75 -16.96
N THR B 250 -4.71 5.02 -15.72
CA THR B 250 -4.99 3.93 -14.80
C THR B 250 -6.24 3.21 -15.28
N GLU B 251 -6.36 1.95 -14.85
CA GLU B 251 -7.58 1.22 -15.13
C GLU B 251 -8.72 1.76 -14.26
N PHE B 252 -9.91 1.83 -14.86
CA PHE B 252 -11.09 2.37 -14.20
C PHE B 252 -11.73 1.28 -13.35
N VAL B 253 -11.98 1.59 -12.09
CA VAL B 253 -12.70 0.72 -11.16
C VAL B 253 -13.82 1.56 -10.57
N GLY B 254 -15.06 1.22 -10.93
CA GLY B 254 -16.17 2.00 -10.46
C GLY B 254 -16.40 1.80 -8.97
N THR B 255 -17.09 2.80 -8.39
CA THR B 255 -17.42 2.82 -6.97
C THR B 255 -18.83 3.36 -6.78
N GLN B 256 -19.36 3.17 -5.56
CA GLN B 256 -20.66 3.75 -5.21
C GLN B 256 -20.65 5.26 -5.41
N SER B 257 -19.52 5.91 -5.17
CA SER B 257 -19.45 7.37 -5.33
CA SER B 257 -19.47 7.37 -5.34
C SER B 257 -19.64 7.76 -6.79
N VAL B 258 -18.96 7.06 -7.70
CA VAL B 258 -19.17 7.32 -9.12
C VAL B 258 -20.61 7.00 -9.53
N ASP B 259 -21.15 5.88 -9.05
CA ASP B 259 -22.52 5.49 -9.36
C ASP B 259 -23.50 6.58 -8.97
N MET B 260 -23.29 7.21 -7.80
CA MET B 260 -24.19 8.29 -7.39
C MET B 260 -24.18 9.42 -8.42
N LEU B 261 -23.01 9.71 -8.99
CA LEU B 261 -22.94 10.79 -9.97
C LEU B 261 -23.66 10.39 -11.26
N ALA B 262 -23.57 9.11 -11.63
CA ALA B 262 -24.28 8.62 -12.80
C ALA B 262 -25.78 8.73 -12.63
N VAL B 263 -26.27 8.42 -11.43
CA VAL B 263 -27.71 8.48 -11.19
C VAL B 263 -28.19 9.92 -11.18
N LYS B 264 -27.41 10.81 -10.55
CA LYS B 264 -27.84 12.20 -10.45
C LYS B 264 -27.88 12.86 -11.82
N THR B 265 -26.94 12.50 -12.71
CA THR B 265 -26.86 13.16 -14.03
C THR B 265 -27.60 12.42 -15.13
N GLY B 266 -27.90 11.14 -14.95
CA GLY B 266 -28.47 10.36 -16.04
C GLY B 266 -27.50 10.05 -17.14
N VAL B 267 -26.21 10.20 -16.90
CA VAL B 267 -25.16 9.90 -17.87
C VAL B 267 -24.40 8.67 -17.39
N ALA B 268 -24.33 7.65 -18.24
CA ALA B 268 -23.66 6.41 -17.86
C ALA B 268 -22.15 6.56 -17.87
N ILE B 269 -21.50 5.81 -16.98
CA ILE B 269 -20.04 5.76 -16.93
C ILE B 269 -19.47 5.49 -18.30
N GLU B 270 -20.06 4.53 -19.02
CA GLU B 270 -19.52 4.10 -20.30
C GLU B 270 -19.55 5.23 -21.33
N GLN B 271 -20.49 6.18 -21.21
CA GLN B 271 -20.47 7.34 -22.11
C GLN B 271 -19.25 8.20 -21.84
N LEU B 272 -18.89 8.35 -20.57
CA LEU B 272 -17.75 9.17 -20.19
C LEU B 272 -16.42 8.48 -20.49
N LEU B 273 -16.36 7.14 -20.37
CA LEU B 273 -15.17 6.42 -20.86
C LEU B 273 -14.94 6.66 -22.35
N TYR B 274 -16.00 6.60 -23.16
CA TYR B 274 -15.88 6.98 -24.57
C TYR B 274 -15.42 8.43 -24.71
N ALA B 275 -16.03 9.34 -23.96
CA ALA B 275 -15.63 10.75 -24.06
C ALA B 275 -14.15 10.94 -23.75
N ILE B 276 -13.64 10.27 -22.72
CA ILE B 276 -12.22 10.39 -22.37
C ILE B 276 -11.34 9.97 -23.53
N GLN B 277 -11.67 8.86 -24.18
CA GLN B 277 -10.90 8.41 -25.34
C GLN B 277 -10.86 9.47 -26.43
N GLN B 278 -11.97 10.20 -26.62
CA GLN B 278 -11.99 11.22 -27.66
C GLN B 278 -11.22 12.46 -27.20
N LEU B 279 -11.43 12.86 -25.95
CA LEU B 279 -10.80 14.08 -25.45
C LEU B 279 -9.29 13.93 -25.34
N TYR B 280 -8.80 12.72 -25.09
CA TYR B 280 -7.37 12.48 -25.02
C TYR B 280 -6.66 12.76 -26.34
N THR B 281 -7.36 12.64 -27.47
CA THR B 281 -6.80 13.00 -28.78
C THR B 281 -6.91 14.49 -29.07
N GLY B 282 -7.48 15.28 -28.16
CA GLY B 282 -7.59 16.70 -28.36
C GLY B 282 -8.99 17.22 -28.09
N PHE B 283 -9.07 18.37 -27.41
CA PHE B 283 -10.36 19.01 -27.15
C PHE B 283 -10.90 19.73 -28.38
N GLN B 284 -10.11 19.85 -29.44
CA GLN B 284 -10.58 20.41 -30.70
C GLN B 284 -11.14 21.83 -30.50
N GLY B 285 -10.36 22.64 -29.77
CA GLY B 285 -10.66 24.05 -29.60
C GLY B 285 -11.66 24.37 -28.51
N LYS B 286 -12.29 23.36 -27.91
CA LYS B 286 -13.29 23.58 -26.89
C LYS B 286 -12.65 23.55 -25.50
N GLN B 287 -13.42 23.98 -24.51
CA GLN B 287 -12.99 23.93 -23.11
C GLN B 287 -14.02 23.16 -22.30
N ILE B 288 -13.54 22.55 -21.22
CA ILE B 288 -14.38 21.93 -20.21
C ILE B 288 -14.00 22.52 -18.87
N LEU B 289 -14.96 23.17 -18.21
CA LEU B 289 -14.73 23.83 -16.92
C LEU B 289 -13.44 24.64 -16.93
N GLY B 290 -13.27 25.41 -18.00
CA GLY B 290 -12.16 26.31 -18.11
C GLY B 290 -10.84 25.68 -18.47
N SER B 291 -10.81 24.38 -18.71
CA SER B 291 -9.58 23.66 -19.03
C SER B 291 -9.60 23.18 -20.48
N THR B 292 -8.41 23.08 -21.08
CA THR B 292 -8.23 22.45 -22.37
C THR B 292 -7.51 21.12 -22.24
N MET B 293 -7.32 20.65 -21.01
CA MET B 293 -6.75 19.32 -20.76
C MET B 293 -7.55 18.60 -19.68
N LEU B 294 -7.46 17.27 -19.70
CA LEU B 294 -8.20 16.50 -18.71
C LEU B 294 -7.66 16.80 -17.32
N GLU B 295 -8.55 16.80 -16.34
CA GLU B 295 -8.23 17.07 -14.94
C GLU B 295 -8.46 15.79 -14.14
N ASP B 296 -7.45 15.36 -13.39
CA ASP B 296 -7.59 14.13 -12.58
C ASP B 296 -7.29 14.38 -11.12
N GLU B 297 -7.38 15.61 -10.66
CA GLU B 297 -7.04 15.94 -9.28
C GLU B 297 -8.26 16.09 -8.39
N PHE B 298 -9.46 15.85 -8.90
CA PHE B 298 -10.69 15.84 -8.12
C PHE B 298 -11.27 14.43 -8.10
N THR B 299 -11.65 13.95 -6.92
CA THR B 299 -12.14 12.58 -6.78
C THR B 299 -13.65 12.57 -6.91
N PRO B 300 -14.23 11.36 -7.05
CA PRO B 300 -15.70 11.27 -7.05
C PRO B 300 -16.31 11.79 -5.75
N GLU B 301 -15.64 11.53 -4.64
CA GLU B 301 -16.09 12.01 -3.35
C GLU B 301 -16.05 13.54 -3.28
N ASP B 302 -14.99 14.16 -3.81
CA ASP B 302 -14.92 15.63 -3.92
C ASP B 302 -16.13 16.18 -4.64
N VAL B 303 -16.47 15.58 -5.78
CA VAL B 303 -17.56 16.09 -6.58
C VAL B 303 -18.90 15.90 -5.85
N ASN B 304 -19.13 14.71 -5.30
CA ASN B 304 -20.35 14.48 -4.52
C ASN B 304 -20.46 15.46 -3.35
N MET B 305 -19.37 15.69 -2.63
CA MET B 305 -19.44 16.55 -1.44
C MET B 305 -19.58 18.02 -1.80
N GLN B 306 -18.77 18.49 -2.76
CA GLN B 306 -18.68 19.93 -2.99
C GLN B 306 -19.82 20.45 -3.82
N ILE B 307 -20.34 19.65 -4.74
CA ILE B 307 -21.43 20.08 -5.59
C ILE B 307 -22.79 19.62 -5.06
N MET B 308 -22.87 18.40 -4.52
CA MET B 308 -24.14 17.84 -4.05
C MET B 308 -24.33 17.81 -2.53
N GLY B 309 -23.29 18.10 -1.75
CA GLY B 309 -23.39 18.10 -0.30
C GLY B 309 -23.57 16.73 0.31
N VAL B 310 -23.09 15.68 -0.37
CA VAL B 310 -23.30 14.29 0.02
C VAL B 310 -21.96 13.70 0.46
N VAL B 311 -21.88 13.28 1.73
CA VAL B 311 -20.69 12.59 2.23
C VAL B 311 -21.04 11.15 2.59
C1 A1AGG C . -15.63 -14.61 -2.36
C2 A1AGG C . -15.73 -15.51 -4.55
C3 A1AGG C . -16.70 -15.65 -5.71
C4 A1AGG C . -17.52 -13.25 -6.13
C5 A1AGG C . -18.99 -13.30 -6.57
C6 A1AGG C . -19.14 -13.24 -8.06
C10 A1AGG C . -19.57 -11.99 -10.08
C11 A1AGG C . -19.44 -12.05 -8.70
C12 A1AGG C . -16.07 -14.50 -7.66
C13 A1AGG C . -15.40 -15.85 -7.71
C14 A1AGG C . -16.23 -16.68 -6.74
C15 A1AGG C . -15.78 -13.93 -0.03
C16 A1AGG C . -16.65 -13.09 0.89
C17 A1AGG C . -16.78 -11.61 0.48
C18 A1AGG C . -17.87 -10.93 1.28
C19 A1AGG C . -15.44 -10.90 0.67
C20 A1AGG C . -15.54 -15.30 0.60
C21 A1AGG C . -13.92 -16.84 1.62
C22 A1AGG C . -12.68 -17.36 0.92
C23 A1AGG C . -12.94 -17.71 -0.55
C24 A1AGG C . -11.73 -18.27 -1.29
C25 A1AGG C . -13.56 -19.54 -1.98
C26 A1AGG C . -14.01 -18.78 -0.75
C27 A1AGG C . -13.78 -16.67 3.13
C7 A1AGG C . -18.99 -14.39 -8.84
C8 A1AGG C . -19.13 -14.32 -10.21
C9 A1AGG C . -19.42 -13.12 -10.83
N1 A1AGG C . -16.77 -14.43 -6.53
N2 A1AGG C . -16.35 -14.07 -1.36
N3 A1AGG C . -14.31 -15.56 1.04
N4 A1AGG C . -12.12 -19.34 -1.97
O1 A1AGG C . -14.47 -14.94 -2.26
O2 A1AGG C . -16.39 -14.80 -3.46
O3 A1AGG C . -15.99 -13.61 -8.50
O4 A1AGG C . -10.59 -17.81 -1.25
O5 A1AGG C . -13.51 -17.91 3.74
O6 A1AGG C . -16.46 -16.12 0.68
C1 A1AGH D . -15.53 -14.69 -2.56
C2 A1AGH D . -15.68 -15.63 -4.72
C3 A1AGH D . -16.61 -15.65 -5.93
C4 A1AGH D . -17.31 -13.20 -6.17
C5 A1AGH D . -18.79 -13.24 -6.56
C6 A1AGH D . -18.98 -13.24 -8.05
C10 A1AGH D . -19.05 -14.40 -10.16
C11 A1AGH D . -18.88 -14.41 -8.79
C12 A1AGH D . -15.80 -14.35 -7.71
C13 A1AGH D . -15.23 -15.74 -7.88
C14 A1AGH D . -16.15 -16.61 -7.02
C15 A1AGH D . -15.65 -13.98 -0.26
C16 A1AGH D . -16.56 -13.19 0.68
C17 A1AGH D . -16.77 -11.73 0.29
C18 A1AGH D . -17.84 -11.08 1.16
C19 A1AGH D . -15.48 -10.94 0.38
C20 A1AGH D . -15.40 -15.39 0.27
C21 A1AGH D . -13.94 -16.87 1.61
C22 A1AGH D . -12.71 -17.38 0.86
C23 A1AGH D . -12.96 -17.68 -0.62
C24 A1AGH D . -11.74 -18.18 -1.36
C25 A1AGH D . -13.56 -19.36 -2.21
C26 A1AGH D . -13.99 -18.77 -0.89
C27 A1AGH D . -13.69 -16.75 3.10
C7 A1AGH D . -19.27 -12.07 -8.73
C8 A1AGH D . -19.44 -12.06 -10.11
C9 A1AGH D . -19.33 -13.23 -10.83
N1 A1AGH D . -16.58 -14.36 -6.63
N2 A1AGH D . -16.20 -14.03 -1.60
N3 A1AGH D . -14.34 -15.57 1.06
N4 A1AGH D . -12.12 -19.14 -2.20
O1 A1AGH D . -14.44 -15.19 -2.42
O2 A1AGH D . -16.27 -14.81 -3.68
O3 A1AGH D . -15.58 -13.38 -8.42
O4 A1AGH D . -10.58 -17.77 -1.23
O5 A1AGH D . -14.87 -16.45 3.82
O6 A1AGH D . -16.15 -16.32 -0.06
C1 A1AGG E . 15.92 14.62 -0.13
C2 A1AGG E . 16.46 15.71 -2.14
C3 A1AGG E . 17.63 15.89 -3.10
C4 A1AGG E . 18.39 13.48 -3.53
C5 A1AGG E . 19.73 13.24 -4.21
C12 A1AGG E . 17.26 14.89 -5.19
C13 A1AGG E . 16.68 16.27 -5.26
C14 A1AGG E . 17.40 17.00 -4.12
C15 A1AGG E . 15.70 14.00 2.20
C16 A1AGG E . 16.46 13.20 3.25
C17 A1AGG E . 16.70 11.73 2.87
C18 A1AGG E . 17.62 11.06 3.89
C19 A1AGG E . 15.38 10.97 2.77
C20 A1AGG E . 15.34 15.38 2.73
C21 A1AGG E . 13.62 16.80 3.78
C22 A1AGG E . 12.46 17.33 2.95
C23 A1AGG E . 12.92 17.79 1.57
C24 A1AGG E . 11.79 18.31 0.69
C25 A1AGG E . 13.58 19.77 0.36
C26 A1AGG E . 13.90 18.95 1.61
C27 A1AGG E . 13.26 16.60 5.25
N1 A1AGG E . 17.76 14.71 -3.96
N2 A1AGG E . 16.46 14.06 0.97
N3 A1AGG E . 14.10 15.55 3.21
N4 A1AGG E . 12.20 19.42 0.09
O1 A1AGG E . 14.78 15.04 -0.21
O2 A1AGG E . 16.86 14.82 -1.08
O3 A1AGG E . 17.26 14.04 -6.09
O4 A1AGG E . 10.70 17.75 0.53
O5 A1AGG E . 12.94 17.83 5.91
O6 A1AGG E . 16.14 16.31 2.65
C1 A1AGH F . 15.99 14.77 0.03
C2 A1AGH F . 16.42 15.63 -2.13
C3 A1AGH F . 17.56 15.79 -3.11
C4 A1AGH F . 18.42 13.39 -3.48
C5 A1AGH F . 19.70 13.10 -4.25
C12 A1AGH F . 17.22 14.70 -5.16
C13 A1AGH F . 16.62 16.07 -5.29
C14 A1AGH F . 17.30 16.85 -4.17
C15 A1AGH F . 15.79 13.93 2.32
C16 A1AGH F . 16.57 13.04 3.27
C17 A1AGH F . 16.73 11.58 2.82
C18 A1AGH F . 17.64 10.83 3.79
C19 A1AGH F . 15.39 10.88 2.70
C20 A1AGH F . 15.47 15.26 2.99
C21 A1AGH F . 13.69 16.81 3.73
C22 A1AGH F . 12.53 17.39 2.92
C23 A1AGH F . 12.92 17.79 1.50
C24 A1AGH F . 11.79 18.40 0.70
C25 A1AGH F . 13.74 19.44 0.00
C26 A1AGH F . 14.01 18.85 1.36
C27 A1AGH F . 13.29 16.56 5.18
N1 A1AGH F . 17.74 14.59 -3.94
N2 A1AGH F . 16.54 14.10 1.07
N3 A1AGH F . 14.17 15.57 3.13
N4 A1AGH F . 12.30 19.29 -0.13
O1 A1AGH F . 14.89 15.26 0.03
O2 A1AGH F . 16.86 14.85 -0.99
O3 A1AGH F . 17.24 13.82 -6.03
O4 A1AGH F . 10.58 18.09 0.80
O5 A1AGH F . 14.41 16.30 6.00
O6 A1AGH F . 16.37 15.99 3.41
#